data_1V2F
#
_entry.id   1V2F
#
_cell.length_a   123.85
_cell.length_b   123.85
_cell.length_c   122.50
_cell.angle_alpha   90
_cell.angle_beta   90
_cell.angle_gamma   120
#
_symmetry.space_group_name_H-M   'P 31 2 1'
#
loop_
_entity.id
_entity.type
_entity.pdbx_description
1 polymer 'Glutamine Aminotransferase'
2 non-polymer "PYRIDOXAL-5'-PHOSPHATE"
3 non-polymer 'HYDROCINNAMIC ACID'
4 water water
#
_entity_poly.entity_id   1
_entity_poly.type   'polypeptide(L)'
_entity_poly.pdbx_seq_one_letter_code
;MRLHPRTEAAKESIFPRMSGLAQRLGAVNLGQGFPSNPPPPFLLEAVRRALGRQDQYAPPAGLPALREALAEEFAVEPES
VVVTSGATEALYVLLQSLVGPGDEVVVLEPFFDVYLPDAFLAGAKARLVRLDLTPEGFRLDLSALEKALTPRTRALLLNT
PMNPTGLVFGERELEAIARLARAHDLFLISDEVYDELYYGERPRRLREFAPERTFTVGSAGKRLEATGYRVGWIVGPKEF
MPRLAGMRQWTSFSAPTPLQAGVAEALKLARREGFYEALREGYRRRRDLLAGGLRAMGLRVYVPEGTYFLMAELPGWDAF
RLVEEARVALIPASAFYLEDPPKDLFRFAFCKTEEELHLALERLGRVVNSPREAEGGAVSG
;
_entity_poly.pdbx_strand_id   A,B
#
# COMPACT_ATOMS: atom_id res chain seq x y z
N MET A 1 -14.84 -22.24 -10.73
CA MET A 1 -14.23 -21.12 -9.95
C MET A 1 -14.17 -19.86 -10.79
N ARG A 2 -14.40 -18.72 -10.13
CA ARG A 2 -14.36 -17.44 -10.82
C ARG A 2 -14.11 -16.32 -9.80
N LEU A 3 -13.58 -15.20 -10.27
CA LEU A 3 -13.31 -14.07 -9.39
C LEU A 3 -14.60 -13.33 -9.04
N HIS A 4 -14.60 -12.63 -7.92
CA HIS A 4 -15.77 -11.88 -7.49
C HIS A 4 -16.10 -10.78 -8.51
N PRO A 5 -17.39 -10.52 -8.74
CA PRO A 5 -17.85 -9.50 -9.69
C PRO A 5 -17.20 -8.14 -9.44
N ARG A 6 -16.78 -7.93 -8.20
CA ARG A 6 -16.13 -6.68 -7.80
C ARG A 6 -14.88 -6.38 -8.63
N THR A 7 -14.21 -7.44 -9.08
CA THR A 7 -13.00 -7.29 -9.86
C THR A 7 -13.24 -6.76 -11.26
N GLU A 8 -14.48 -6.34 -11.53
CA GLU A 8 -14.77 -5.79 -12.84
C GLU A 8 -14.17 -4.39 -12.91
N ALA A 9 -13.82 -3.85 -11.74
CA ALA A 9 -13.21 -2.53 -11.67
C ALA A 9 -11.69 -2.63 -11.82
N ALA A 10 -11.18 -3.86 -11.81
CA ALA A 10 -9.74 -4.10 -11.91
C ALA A 10 -9.19 -4.07 -13.34
N LYS A 11 -9.42 -2.96 -14.03
CA LYS A 11 -8.95 -2.81 -15.41
C LYS A 11 -7.66 -2.00 -15.41
N GLU A 12 -6.68 -2.44 -16.19
CA GLU A 12 -5.41 -1.73 -16.27
C GLU A 12 -5.65 -0.25 -16.58
N SER A 13 -5.11 0.61 -15.72
CA SER A 13 -5.23 2.06 -15.88
C SER A 13 -4.58 2.51 -17.20
N ILE A 14 -5.21 3.48 -17.86
CA ILE A 14 -4.72 4.00 -19.13
C ILE A 14 -3.37 4.71 -18.97
N PHE A 15 -3.07 5.20 -17.77
CA PHE A 15 -1.84 5.93 -17.52
C PHE A 15 -0.58 5.07 -17.64
N PRO A 16 -0.47 3.97 -16.88
CA PRO A 16 0.74 3.17 -17.04
C PRO A 16 0.77 2.43 -18.39
N ARG A 17 -0.41 2.16 -18.94
CA ARG A 17 -0.52 1.48 -20.23
C ARG A 17 0.07 2.36 -21.32
N MET A 18 -0.25 3.65 -21.30
CA MET A 18 0.30 4.59 -22.30
C MET A 18 1.81 4.66 -22.14
N SER A 19 2.29 4.59 -20.90
CA SER A 19 3.72 4.65 -20.64
C SER A 19 4.43 3.46 -21.28
N GLY A 20 3.82 2.29 -21.21
CA GLY A 20 4.42 1.11 -21.82
C GLY A 20 4.38 1.25 -23.33
N LEU A 21 3.28 1.79 -23.82
CA LEU A 21 3.14 1.98 -25.26
C LEU A 21 4.21 2.96 -25.73
N ALA A 22 4.44 4.01 -24.94
CA ALA A 22 5.44 5.01 -25.32
C ALA A 22 6.87 4.45 -25.38
N GLN A 23 7.24 3.60 -24.42
CA GLN A 23 8.58 3.01 -24.41
C GLN A 23 8.75 2.09 -25.61
N ARG A 24 7.71 1.31 -25.90
CA ARG A 24 7.75 0.38 -27.03
C ARG A 24 7.86 1.09 -28.38
N LEU A 25 7.17 2.22 -28.51
CA LEU A 25 7.17 2.98 -29.76
C LEU A 25 8.26 4.04 -29.89
N GLY A 26 9.06 4.24 -28.86
CA GLY A 26 10.11 5.24 -28.93
C GLY A 26 9.54 6.65 -29.02
N ALA A 27 8.40 6.86 -28.37
CA ALA A 27 7.73 8.15 -28.37
C ALA A 27 8.05 8.97 -27.13
N VAL A 28 7.97 10.29 -27.24
CA VAL A 28 8.22 11.16 -26.10
C VAL A 28 7.00 10.98 -25.21
N ASN A 29 7.24 10.67 -23.94
CA ASN A 29 6.15 10.42 -23.01
C ASN A 29 5.65 11.65 -22.26
N LEU A 30 4.56 12.26 -22.74
CA LEU A 30 3.99 13.41 -22.05
C LEU A 30 2.62 13.03 -21.49
N GLY A 31 2.46 11.74 -21.15
CA GLY A 31 1.20 11.26 -20.61
C GLY A 31 1.19 11.14 -19.10
N GLN A 32 1.37 9.93 -18.59
CA GLN A 32 1.40 9.71 -17.14
C GLN A 32 2.35 10.71 -16.48
N GLY A 33 1.93 11.23 -15.33
CA GLY A 33 2.74 12.22 -14.64
C GLY A 33 3.82 11.81 -13.67
N PHE A 34 5.07 11.88 -14.13
CA PHE A 34 6.23 11.59 -13.29
C PHE A 34 7.43 12.28 -13.92
N PRO A 35 8.23 12.97 -13.10
CA PRO A 35 9.43 13.71 -13.53
C PRO A 35 10.49 12.88 -14.25
N SER A 36 11.14 13.49 -15.24
CA SER A 36 12.21 12.86 -16.02
C SER A 36 13.52 12.92 -15.23
N ASN A 37 13.59 13.87 -14.31
CA ASN A 37 14.77 14.06 -13.48
C ASN A 37 14.67 13.27 -12.18
N PRO A 38 15.80 13.10 -11.48
CA PRO A 38 15.77 12.37 -10.22
C PRO A 38 15.38 13.34 -9.10
N PRO A 39 15.07 12.83 -7.90
CA PRO A 39 14.71 13.77 -6.84
C PRO A 39 15.92 14.60 -6.39
N PRO A 40 15.68 15.64 -5.57
CA PRO A 40 16.80 16.47 -5.10
C PRO A 40 17.81 15.70 -4.24
N PRO A 41 19.08 16.08 -4.31
CA PRO A 41 20.13 15.42 -3.53
C PRO A 41 19.89 15.34 -2.03
N PHE A 42 19.31 16.38 -1.43
CA PHE A 42 19.07 16.34 0.01
C PHE A 42 18.10 15.22 0.42
N LEU A 43 17.23 14.80 -0.50
CA LEU A 43 16.32 13.70 -0.20
C LEU A 43 17.06 12.38 -0.37
N LEU A 44 17.83 12.25 -1.45
CA LEU A 44 18.58 11.02 -1.68
C LEU A 44 19.53 10.78 -0.52
N GLU A 45 20.27 11.80 -0.09
CA GLU A 45 21.20 11.64 1.04
C GLU A 45 20.47 11.27 2.32
N ALA A 46 19.30 11.86 2.55
CA ALA A 46 18.53 11.55 3.75
C ALA A 46 18.13 10.06 3.74
N VAL A 47 17.76 9.54 2.58
CA VAL A 47 17.39 8.13 2.48
C VAL A 47 18.59 7.20 2.69
N ARG A 48 19.73 7.56 2.09
CA ARG A 48 20.96 6.75 2.26
C ARG A 48 21.30 6.62 3.73
N ARG A 49 21.15 7.73 4.44
CA ARG A 49 21.42 7.81 5.87
C ARG A 49 20.51 6.89 6.69
N ALA A 50 19.29 6.66 6.20
CA ALA A 50 18.32 5.81 6.88
C ALA A 50 18.55 4.32 6.62
N LEU A 51 19.10 3.99 5.44
CA LEU A 51 19.35 2.61 5.10
C LEU A 51 20.39 2.02 6.05
N GLY A 52 20.09 0.86 6.61
CA GLY A 52 21.03 0.25 7.54
C GLY A 52 20.65 0.47 8.99
N ARG A 53 19.84 1.49 9.26
CA ARG A 53 19.43 1.76 10.64
C ARG A 53 17.92 1.75 10.86
N GLN A 54 17.16 2.18 9.87
CA GLN A 54 15.70 2.20 9.97
C GLN A 54 15.08 1.40 8.81
N ASP A 55 15.21 0.09 8.90
CA ASP A 55 14.72 -0.79 7.84
C ASP A 55 13.51 -1.63 8.24
N GLN A 56 13.20 -1.70 9.54
CA GLN A 56 12.10 -2.51 10.02
C GLN A 56 10.77 -1.79 10.12
N TYR A 57 9.71 -2.53 10.43
CA TYR A 57 8.36 -1.98 10.55
C TYR A 57 8.29 -0.65 11.27
N ALA A 58 7.43 0.23 10.76
CA ALA A 58 7.18 1.53 11.36
C ALA A 58 5.74 1.42 11.87
N PRO A 59 5.33 2.29 12.81
CA PRO A 59 3.95 2.16 13.26
C PRO A 59 3.01 2.48 12.10
N PRO A 60 1.86 1.80 12.02
CA PRO A 60 0.88 2.03 10.96
C PRO A 60 0.60 3.52 10.70
N ALA A 61 0.38 4.26 11.79
CA ALA A 61 0.09 5.69 11.69
C ALA A 61 1.26 6.43 11.06
N GLY A 62 2.46 5.87 11.21
CA GLY A 62 3.65 6.47 10.62
C GLY A 62 4.85 6.63 11.54
N LEU A 63 6.01 6.88 10.96
CA LEU A 63 7.23 7.10 11.74
C LEU A 63 6.99 8.37 12.53
N PRO A 64 7.29 8.38 13.83
CA PRO A 64 7.10 9.57 14.66
C PRO A 64 7.64 10.87 14.02
N ALA A 65 8.88 10.80 13.53
CA ALA A 65 9.52 11.97 12.92
C ALA A 65 8.77 12.52 11.71
N LEU A 66 8.17 11.64 10.91
CA LEU A 66 7.43 12.10 9.73
C LEU A 66 6.15 12.80 10.18
N ARG A 67 5.47 12.22 11.17
CA ARG A 67 4.23 12.82 11.66
C ARG A 67 4.50 14.21 12.25
N GLU A 68 5.59 14.34 12.99
CA GLU A 68 5.95 15.61 13.59
C GLU A 68 6.32 16.65 12.54
N ALA A 69 7.05 16.24 11.51
CA ALA A 69 7.45 17.15 10.44
C ALA A 69 6.22 17.67 9.68
N LEU A 70 5.26 16.79 9.47
CA LEU A 70 4.03 17.17 8.77
C LEU A 70 3.17 18.03 9.68
N ALA A 71 3.08 17.66 10.96
CA ALA A 71 2.28 18.44 11.91
C ALA A 71 2.73 19.89 11.95
N GLU A 72 4.04 20.10 11.94
CA GLU A 72 4.61 21.44 11.97
C GLU A 72 4.24 22.26 10.72
N GLU A 73 4.22 21.60 9.56
CA GLU A 73 3.85 22.28 8.32
C GLU A 73 2.38 22.66 8.29
N PHE A 74 1.55 21.78 8.82
CA PHE A 74 0.11 22.00 8.83
C PHE A 74 -0.40 22.68 10.09
N ALA A 75 0.48 22.90 11.04
CA ALA A 75 0.10 23.54 12.30
C ALA A 75 -0.99 22.77 13.03
N VAL A 76 -0.78 21.47 13.19
CA VAL A 76 -1.72 20.61 13.90
C VAL A 76 -0.87 19.76 14.84
N GLU A 77 -1.50 18.86 15.59
CA GLU A 77 -0.71 18.01 16.46
C GLU A 77 -0.44 16.72 15.68
N PRO A 78 0.63 16.00 16.06
CA PRO A 78 1.01 14.73 15.40
C PRO A 78 -0.13 13.71 15.25
N GLU A 79 -1.02 13.64 16.23
CA GLU A 79 -2.11 12.67 16.15
C GLU A 79 -3.17 12.97 15.12
N SER A 80 -3.10 14.12 14.45
CA SER A 80 -4.09 14.39 13.44
C SER A 80 -3.50 14.10 12.05
N VAL A 81 -2.34 13.44 12.04
CA VAL A 81 -1.64 13.08 10.81
C VAL A 81 -1.43 11.56 10.70
N VAL A 82 -1.83 11.00 9.56
CA VAL A 82 -1.63 9.56 9.32
C VAL A 82 -0.84 9.38 8.03
N VAL A 83 0.21 8.56 8.08
CA VAL A 83 1.03 8.35 6.90
C VAL A 83 0.60 7.10 6.14
N THR A 84 0.31 7.29 4.87
CA THR A 84 -0.13 6.19 4.02
C THR A 84 0.90 5.88 2.94
N SER A 85 0.71 4.75 2.27
CA SER A 85 1.60 4.34 1.21
C SER A 85 1.17 5.06 -0.07
N GLY A 86 1.44 6.37 -0.10
CA GLY A 86 1.07 7.19 -1.24
C GLY A 86 -0.31 7.80 -1.06
N ALA A 87 -0.57 8.91 -1.74
CA ALA A 87 -1.87 9.54 -1.65
C ALA A 87 -2.92 8.57 -2.22
N THR A 88 -2.46 7.67 -3.10
CA THR A 88 -3.35 6.68 -3.69
C THR A 88 -4.04 5.87 -2.61
N GLU A 89 -3.27 5.40 -1.62
CA GLU A 89 -3.83 4.64 -0.53
C GLU A 89 -4.69 5.53 0.37
N ALA A 90 -4.23 6.75 0.60
CA ALA A 90 -4.98 7.70 1.42
C ALA A 90 -6.40 7.83 0.88
N LEU A 91 -6.51 8.03 -0.43
CA LEU A 91 -7.79 8.17 -1.12
C LEU A 91 -8.64 6.91 -1.03
N TYR A 92 -8.01 5.76 -1.20
CA TYR A 92 -8.76 4.51 -1.11
C TYR A 92 -9.33 4.29 0.30
N VAL A 93 -8.50 4.43 1.31
CA VAL A 93 -8.91 4.23 2.69
C VAL A 93 -9.97 5.23 3.15
N LEU A 94 -9.94 6.45 2.59
CA LEU A 94 -10.91 7.47 2.95
C LEU A 94 -12.31 7.16 2.43
N LEU A 95 -12.43 6.82 1.15
CA LEU A 95 -13.74 6.51 0.59
C LEU A 95 -14.28 5.27 1.27
N GLN A 96 -13.38 4.34 1.56
CA GLN A 96 -13.72 3.10 2.23
C GLN A 96 -14.26 3.39 3.64
N SER A 97 -13.73 4.45 4.26
CA SER A 97 -14.12 4.80 5.62
C SER A 97 -15.30 5.77 5.73
N LEU A 98 -15.61 6.47 4.64
CA LEU A 98 -16.68 7.46 4.67
C LEU A 98 -18.00 7.12 3.98
N VAL A 99 -17.97 6.27 2.97
CA VAL A 99 -19.20 5.93 2.27
C VAL A 99 -19.36 4.46 1.97
N GLY A 100 -20.61 4.03 1.82
CA GLY A 100 -20.90 2.64 1.53
C GLY A 100 -22.19 2.50 0.73
N PRO A 101 -22.78 1.30 0.67
CA PRO A 101 -24.03 1.11 -0.08
C PRO A 101 -25.13 2.07 0.40
N GLY A 102 -25.77 2.75 -0.55
CA GLY A 102 -26.82 3.69 -0.20
C GLY A 102 -26.33 5.13 -0.06
N ASP A 103 -25.01 5.30 0.03
CA ASP A 103 -24.40 6.62 0.15
C ASP A 103 -23.99 7.19 -1.20
N GLU A 104 -23.87 8.51 -1.26
CA GLU A 104 -23.47 9.18 -2.48
C GLU A 104 -22.25 10.07 -2.22
N VAL A 105 -21.39 10.18 -3.22
CA VAL A 105 -20.20 11.02 -3.13
C VAL A 105 -20.14 11.89 -4.38
N VAL A 106 -19.99 13.19 -4.19
CA VAL A 106 -19.91 14.09 -5.34
C VAL A 106 -18.46 14.14 -5.83
N VAL A 107 -18.28 14.01 -7.14
CA VAL A 107 -16.97 14.05 -7.77
C VAL A 107 -17.03 15.01 -8.94
N LEU A 108 -16.03 15.87 -9.04
CA LEU A 108 -15.99 16.84 -10.14
C LEU A 108 -15.39 16.19 -11.38
N GLU A 109 -15.90 16.57 -12.54
CA GLU A 109 -15.47 16.04 -13.81
C GLU A 109 -14.89 17.22 -14.61
N PRO A 110 -13.72 17.04 -15.26
CA PRO A 110 -12.86 15.85 -15.34
C PRO A 110 -12.27 15.45 -13.99
N PHE A 111 -12.17 14.14 -13.76
CA PHE A 111 -11.67 13.59 -12.51
C PHE A 111 -10.32 12.88 -12.60
N PHE A 112 -9.73 12.61 -11.44
CA PHE A 112 -8.46 11.92 -11.34
C PHE A 112 -8.77 10.42 -11.45
N ASP A 113 -7.83 9.66 -12.02
CA ASP A 113 -7.98 8.22 -12.26
C ASP A 113 -8.55 7.29 -11.19
N VAL A 114 -8.25 7.52 -9.91
CA VAL A 114 -8.73 6.61 -8.87
C VAL A 114 -10.06 6.94 -8.17
N TYR A 115 -10.61 8.13 -8.40
CA TYR A 115 -11.85 8.49 -7.71
C TYR A 115 -13.03 7.54 -7.92
N LEU A 116 -13.47 7.35 -9.16
CA LEU A 116 -14.60 6.47 -9.43
C LEU A 116 -14.39 5.02 -9.02
N PRO A 117 -13.23 4.43 -9.34
CA PRO A 117 -12.99 3.05 -8.94
C PRO A 117 -13.07 2.89 -7.43
N ASP A 118 -12.50 3.84 -6.68
CA ASP A 118 -12.53 3.77 -5.21
C ASP A 118 -13.96 3.92 -4.70
N ALA A 119 -14.73 4.80 -5.33
CA ALA A 119 -16.12 4.99 -4.93
C ALA A 119 -16.86 3.66 -5.11
N PHE A 120 -16.70 3.09 -6.30
CA PHE A 120 -17.32 1.81 -6.63
C PHE A 120 -16.91 0.69 -5.69
N LEU A 121 -15.62 0.59 -5.40
CA LEU A 121 -15.13 -0.45 -4.50
C LEU A 121 -15.65 -0.27 -3.09
N ALA A 122 -16.16 0.92 -2.79
CA ALA A 122 -16.70 1.20 -1.46
C ALA A 122 -18.21 0.92 -1.48
N GLY A 123 -18.72 0.57 -2.66
CA GLY A 123 -20.14 0.27 -2.82
C GLY A 123 -21.01 1.51 -2.82
N ALA A 124 -20.37 2.68 -2.94
CA ALA A 124 -21.10 3.94 -2.95
C ALA A 124 -21.37 4.36 -4.39
N LYS A 125 -22.26 5.32 -4.56
CA LYS A 125 -22.61 5.82 -5.88
C LYS A 125 -21.98 7.20 -6.01
N ALA A 126 -21.40 7.48 -7.17
CA ALA A 126 -20.79 8.78 -7.38
C ALA A 126 -21.66 9.64 -8.28
N ARG A 127 -21.84 10.91 -7.89
CA ARG A 127 -22.63 11.82 -8.70
C ARG A 127 -21.68 12.87 -9.27
N LEU A 128 -21.57 12.89 -10.59
CA LEU A 128 -20.66 13.80 -11.27
C LEU A 128 -21.19 15.21 -11.55
N VAL A 129 -20.30 16.19 -11.36
CA VAL A 129 -20.61 17.58 -11.62
C VAL A 129 -19.55 18.07 -12.60
N ARG A 130 -19.89 18.10 -13.89
CA ARG A 130 -18.94 18.53 -14.91
C ARG A 130 -18.69 20.03 -14.89
N LEU A 131 -17.43 20.41 -14.84
CA LEU A 131 -17.06 21.82 -14.85
C LEU A 131 -17.29 22.35 -16.26
N ASP A 132 -17.61 23.64 -16.36
CA ASP A 132 -17.84 24.24 -17.66
C ASP A 132 -16.53 24.55 -18.36
N LEU A 133 -16.43 24.18 -19.64
CA LEU A 133 -15.24 24.46 -20.41
C LEU A 133 -15.58 25.60 -21.36
N THR A 134 -15.12 26.80 -21.02
CA THR A 134 -15.38 27.97 -21.84
C THR A 134 -14.14 28.34 -22.64
N PRO A 135 -14.27 29.33 -23.55
CA PRO A 135 -13.11 29.72 -24.35
C PRO A 135 -12.00 30.27 -23.45
N GLU A 136 -12.38 30.70 -22.25
CA GLU A 136 -11.42 31.23 -21.29
C GLU A 136 -10.77 30.10 -20.51
N GLY A 137 -11.50 29.01 -20.33
CA GLY A 137 -10.98 27.86 -19.60
C GLY A 137 -12.03 27.16 -18.77
N PHE A 138 -11.58 26.27 -17.89
CA PHE A 138 -12.47 25.52 -17.01
C PHE A 138 -12.99 26.43 -15.92
N ARG A 139 -14.26 26.27 -15.57
CA ARG A 139 -14.88 27.09 -14.54
C ARG A 139 -15.89 26.28 -13.74
N LEU A 140 -15.89 26.46 -12.43
CA LEU A 140 -16.81 25.73 -11.56
C LEU A 140 -18.11 26.51 -11.34
N ASP A 141 -19.23 25.85 -11.61
CA ASP A 141 -20.55 26.45 -11.42
C ASP A 141 -21.09 25.94 -10.08
N LEU A 142 -21.04 26.79 -9.06
CA LEU A 142 -21.52 26.43 -7.73
C LEU A 142 -23.00 26.11 -7.69
N SER A 143 -23.77 26.65 -8.63
CA SER A 143 -25.20 26.39 -8.68
C SER A 143 -25.38 24.93 -9.05
N ALA A 144 -24.60 24.49 -10.04
CA ALA A 144 -24.67 23.09 -10.49
C ALA A 144 -24.17 22.16 -9.39
N LEU A 145 -23.26 22.66 -8.56
CA LEU A 145 -22.71 21.87 -7.47
C LEU A 145 -23.80 21.62 -6.43
N GLU A 146 -24.48 22.69 -6.03
CA GLU A 146 -25.54 22.62 -5.04
C GLU A 146 -26.71 21.75 -5.54
N LYS A 147 -26.97 21.82 -6.83
CA LYS A 147 -28.05 21.06 -7.45
C LYS A 147 -27.76 19.56 -7.47
N ALA A 148 -26.53 19.18 -7.16
CA ALA A 148 -26.13 17.77 -7.16
C ALA A 148 -26.25 17.10 -5.79
N LEU A 149 -26.41 17.90 -4.75
CA LEU A 149 -26.52 17.37 -3.39
C LEU A 149 -27.89 16.75 -3.16
N THR A 150 -27.91 15.61 -2.47
CA THR A 150 -29.15 14.91 -2.17
C THR A 150 -29.15 14.37 -0.73
N PRO A 151 -30.28 13.82 -0.28
CA PRO A 151 -30.38 13.27 1.08
C PRO A 151 -29.34 12.20 1.39
N ARG A 152 -28.86 11.51 0.37
CA ARG A 152 -27.87 10.45 0.57
C ARG A 152 -26.41 10.92 0.42
N THR A 153 -26.21 12.17 0.02
CA THR A 153 -24.86 12.69 -0.14
C THR A 153 -24.09 12.74 1.17
N ARG A 154 -23.05 11.92 1.29
CA ARG A 154 -22.23 11.86 2.50
C ARG A 154 -20.89 12.60 2.41
N ALA A 155 -20.34 12.70 1.21
CA ALA A 155 -19.05 13.37 1.04
C ALA A 155 -18.87 14.07 -0.29
N LEU A 156 -17.94 15.03 -0.30
CA LEU A 156 -17.61 15.78 -1.50
C LEU A 156 -16.09 15.63 -1.71
N LEU A 157 -15.71 15.15 -2.88
CA LEU A 157 -14.30 14.93 -3.21
C LEU A 157 -13.78 16.07 -4.08
N LEU A 158 -12.85 16.84 -3.53
CA LEU A 158 -12.27 17.98 -4.21
C LEU A 158 -10.78 17.74 -4.51
N ASN A 159 -10.27 18.39 -5.55
CA ASN A 159 -8.86 18.25 -5.95
C ASN A 159 -8.30 19.62 -6.36
N THR A 160 -7.37 20.16 -5.58
CA THR A 160 -6.78 21.44 -5.90
C THR A 160 -5.38 21.63 -5.31
N PRO A 161 -4.39 21.99 -6.15
CA PRO A 161 -4.48 22.24 -7.59
C PRO A 161 -5.09 21.01 -8.28
N MET A 162 -5.93 21.25 -9.29
CA MET A 162 -6.64 20.18 -9.97
C MET A 162 -6.00 19.51 -11.16
N ASN A 163 -5.98 18.18 -11.10
CA ASN A 163 -5.45 17.34 -12.17
C ASN A 163 -6.72 16.82 -12.85
N PRO A 164 -6.87 17.01 -14.17
CA PRO A 164 -6.03 17.63 -15.18
C PRO A 164 -6.24 19.09 -15.59
N THR A 165 -7.22 19.78 -15.01
CA THR A 165 -7.48 21.16 -15.41
C THR A 165 -6.42 22.21 -15.11
N GLY A 166 -5.69 22.03 -14.01
CA GLY A 166 -4.66 22.99 -13.63
C GLY A 166 -5.28 24.13 -12.86
N LEU A 167 -6.57 23.96 -12.57
CA LEU A 167 -7.35 24.95 -11.84
C LEU A 167 -6.98 25.01 -10.36
N VAL A 168 -6.97 26.22 -9.82
CA VAL A 168 -6.69 26.42 -8.40
C VAL A 168 -7.92 27.15 -7.86
N PHE A 169 -8.61 26.54 -6.92
CA PHE A 169 -9.80 27.15 -6.36
C PHE A 169 -9.50 28.36 -5.49
N GLY A 170 -10.18 29.47 -5.78
CA GLY A 170 -9.98 30.70 -5.02
C GLY A 170 -10.76 30.72 -3.71
N GLU A 171 -10.45 31.70 -2.88
CA GLU A 171 -11.07 31.88 -1.57
C GLU A 171 -12.60 31.78 -1.60
N ARG A 172 -13.22 32.56 -2.47
CA ARG A 172 -14.67 32.57 -2.60
C ARG A 172 -15.25 31.19 -2.88
N GLU A 173 -14.56 30.40 -3.71
CA GLU A 173 -15.03 29.05 -4.02
C GLU A 173 -14.91 28.12 -2.82
N LEU A 174 -13.77 28.16 -2.14
CA LEU A 174 -13.57 27.31 -0.98
C LEU A 174 -14.58 27.68 0.10
N GLU A 175 -14.78 28.98 0.29
CA GLU A 175 -15.72 29.47 1.28
C GLU A 175 -17.11 28.91 0.96
N ALA A 176 -17.52 29.06 -0.29
CA ALA A 176 -18.83 28.58 -0.72
C ALA A 176 -18.98 27.08 -0.50
N ILE A 177 -17.93 26.33 -0.83
CA ILE A 177 -17.97 24.87 -0.68
C ILE A 177 -18.02 24.48 0.79
N ALA A 178 -17.28 25.21 1.62
CA ALA A 178 -17.25 24.94 3.06
C ALA A 178 -18.63 25.20 3.65
N ARG A 179 -19.31 26.20 3.09
CA ARG A 179 -20.65 26.58 3.53
C ARG A 179 -21.65 25.47 3.20
N LEU A 180 -21.57 24.94 1.98
CA LEU A 180 -22.46 23.86 1.57
C LEU A 180 -22.18 22.61 2.38
N ALA A 181 -20.90 22.37 2.65
CA ALA A 181 -20.50 21.20 3.42
C ALA A 181 -21.15 21.22 4.79
N ARG A 182 -21.11 22.37 5.45
CA ARG A 182 -21.69 22.51 6.77
C ARG A 182 -23.22 22.41 6.75
N ALA A 183 -23.83 23.13 5.82
CA ALA A 183 -25.29 23.13 5.70
C ALA A 183 -25.87 21.72 5.56
N HIS A 184 -25.19 20.85 4.83
CA HIS A 184 -25.67 19.48 4.65
C HIS A 184 -24.89 18.45 5.47
N ASP A 185 -24.01 18.93 6.35
CA ASP A 185 -23.21 18.05 7.20
C ASP A 185 -22.43 17.02 6.38
N LEU A 186 -21.71 17.49 5.38
CA LEU A 186 -20.92 16.60 4.51
C LEU A 186 -19.45 16.48 4.93
N PHE A 187 -18.82 15.39 4.53
CA PHE A 187 -17.40 15.18 4.80
C PHE A 187 -16.68 15.77 3.59
N LEU A 188 -15.57 16.45 3.83
CA LEU A 188 -14.82 17.02 2.72
C LEU A 188 -13.47 16.32 2.53
N ILE A 189 -13.28 15.76 1.33
CA ILE A 189 -12.03 15.08 0.98
C ILE A 189 -11.32 15.98 -0.02
N SER A 190 -10.17 16.52 0.38
CA SER A 190 -9.43 17.41 -0.51
C SER A 190 -8.09 16.81 -0.94
N ASP A 191 -7.97 16.48 -2.22
CA ASP A 191 -6.75 15.91 -2.77
C ASP A 191 -5.85 17.08 -3.12
N GLU A 192 -4.83 17.34 -2.31
CA GLU A 192 -3.94 18.46 -2.56
C GLU A 192 -2.47 18.04 -2.72
N VAL A 193 -2.23 17.00 -3.52
CA VAL A 193 -0.87 16.53 -3.72
C VAL A 193 0.01 17.59 -4.36
N TYR A 194 -0.59 18.49 -5.13
CA TYR A 194 0.13 19.58 -5.79
C TYR A 194 0.03 20.87 -5.01
N ASP A 195 -0.16 20.77 -3.70
CA ASP A 195 -0.30 21.98 -2.89
C ASP A 195 0.88 22.94 -2.98
N GLU A 196 2.07 22.47 -3.34
CA GLU A 196 3.21 23.38 -3.44
C GLU A 196 3.53 23.69 -4.91
N LEU A 197 2.67 23.26 -5.82
CA LEU A 197 2.93 23.52 -7.23
C LEU A 197 1.83 24.37 -7.88
N TYR A 198 1.96 25.68 -7.68
CA TYR A 198 1.03 26.66 -8.22
C TYR A 198 1.86 27.77 -8.86
N TYR A 199 1.27 28.48 -9.81
CA TYR A 199 2.02 29.52 -10.50
C TYR A 199 1.61 30.95 -10.17
N GLY A 200 0.58 31.11 -9.35
CA GLY A 200 0.14 32.44 -8.99
C GLY A 200 0.36 32.73 -7.52
N GLU A 201 -0.67 33.26 -6.87
CA GLU A 201 -0.61 33.58 -5.45
C GLU A 201 -0.71 32.27 -4.70
N ARG A 202 -0.09 32.17 -3.53
CA ARG A 202 -0.18 30.93 -2.76
C ARG A 202 -1.64 30.78 -2.39
N PRO A 203 -2.27 29.68 -2.78
CA PRO A 203 -3.67 29.46 -2.48
C PRO A 203 -3.94 29.17 -1.01
N ARG A 204 -5.19 29.37 -0.59
CA ARG A 204 -5.63 29.11 0.76
C ARG A 204 -6.19 27.69 0.71
N ARG A 205 -6.03 26.92 1.80
CA ARG A 205 -6.53 25.54 1.83
C ARG A 205 -7.99 25.45 2.28
N LEU A 206 -8.68 24.42 1.81
CA LEU A 206 -10.08 24.20 2.17
C LEU A 206 -10.24 23.96 3.68
N ARG A 207 -9.23 23.38 4.31
CA ARG A 207 -9.30 23.08 5.74
C ARG A 207 -9.36 24.33 6.63
N GLU A 208 -9.02 25.49 6.08
CA GLU A 208 -9.08 26.73 6.86
C GLU A 208 -10.54 27.16 7.04
N PHE A 209 -11.38 26.84 6.06
CA PHE A 209 -12.79 27.21 6.11
C PHE A 209 -13.67 26.19 6.82
N ALA A 210 -13.31 24.92 6.77
CA ALA A 210 -14.10 23.88 7.41
C ALA A 210 -13.21 22.81 8.03
N PRO A 211 -12.38 23.19 9.00
CA PRO A 211 -11.47 22.26 9.67
C PRO A 211 -12.07 21.03 10.36
N GLU A 212 -13.28 21.16 10.87
CA GLU A 212 -13.92 20.05 11.59
C GLU A 212 -14.36 18.90 10.70
N ARG A 213 -14.44 19.12 9.40
CA ARG A 213 -14.91 18.09 8.48
C ARG A 213 -14.03 17.88 7.24
N THR A 214 -12.82 18.42 7.24
CA THR A 214 -11.97 18.28 6.06
C THR A 214 -10.77 17.33 6.21
N PHE A 215 -10.56 16.51 5.19
CA PHE A 215 -9.42 15.59 5.14
C PHE A 215 -8.54 16.05 4.00
N THR A 216 -7.34 16.48 4.33
CA THR A 216 -6.41 16.96 3.31
C THR A 216 -5.40 15.86 2.99
N VAL A 217 -5.31 15.55 1.70
CA VAL A 217 -4.41 14.52 1.23
C VAL A 217 -3.16 15.11 0.59
N GLY A 218 -2.00 14.56 0.95
CA GLY A 218 -0.73 15.02 0.40
C GLY A 218 0.11 13.86 -0.09
N SER A 219 1.17 14.17 -0.82
CA SER A 219 2.06 13.14 -1.36
C SER A 219 3.52 13.61 -1.39
N ALA A 220 4.40 12.79 -0.84
CA ALA A 220 5.82 13.12 -0.85
C ALA A 220 6.36 13.02 -2.28
N GLY A 221 5.81 12.08 -3.04
CA GLY A 221 6.23 11.88 -4.42
C GLY A 221 5.91 13.06 -5.31
N LYS A 222 4.80 13.74 -5.04
CA LYS A 222 4.43 14.90 -5.85
C LYS A 222 5.02 16.17 -5.27
N ARG A 223 5.53 16.11 -4.04
CA ARG A 223 6.16 17.25 -3.40
C ARG A 223 7.64 17.30 -3.78
N LEU A 224 8.29 16.15 -3.69
CA LEU A 224 9.73 16.05 -3.92
C LEU A 224 10.26 15.31 -5.16
N GLU A 225 9.51 15.30 -6.25
CA GLU A 225 9.97 14.64 -7.49
C GLU A 225 10.39 13.18 -7.27
N ALA A 226 9.60 12.42 -6.52
CA ALA A 226 9.96 11.02 -6.26
C ALA A 226 8.67 10.19 -6.17
N THR A 227 7.94 10.12 -7.28
CA THR A 227 6.65 9.43 -7.33
C THR A 227 6.65 7.97 -6.93
N GLY A 228 7.81 7.31 -7.00
CA GLY A 228 7.87 5.90 -6.66
C GLY A 228 8.20 5.57 -5.21
N TYR A 229 8.26 6.56 -4.34
CA TYR A 229 8.59 6.28 -2.94
C TYR A 229 7.39 5.78 -2.14
N ARG A 230 6.18 6.09 -2.61
CA ARG A 230 4.95 5.63 -1.96
C ARG A 230 4.82 6.07 -0.50
N VAL A 231 4.89 7.38 -0.29
CA VAL A 231 4.74 7.97 1.02
C VAL A 231 3.74 9.09 0.82
N GLY A 232 2.64 9.05 1.55
CA GLY A 232 1.63 10.08 1.44
C GLY A 232 1.02 10.31 2.81
N TRP A 233 0.03 11.18 2.90
CA TRP A 233 -0.55 11.43 4.21
C TRP A 233 -1.95 11.99 4.15
N ILE A 234 -2.62 11.91 5.29
CA ILE A 234 -3.95 12.46 5.46
C ILE A 234 -3.88 13.34 6.70
N VAL A 235 -4.34 14.57 6.58
CA VAL A 235 -4.37 15.47 7.71
C VAL A 235 -5.85 15.80 7.89
N GLY A 236 -6.41 15.43 9.04
CA GLY A 236 -7.81 15.71 9.28
C GLY A 236 -8.15 15.80 10.76
N PRO A 237 -9.43 16.06 11.10
CA PRO A 237 -9.81 16.16 12.50
C PRO A 237 -9.34 14.92 13.24
N LYS A 238 -8.63 15.14 14.35
CA LYS A 238 -8.05 14.08 15.14
C LYS A 238 -8.96 12.97 15.64
N GLU A 239 -10.22 13.30 15.91
CA GLU A 239 -11.15 12.30 16.41
C GLU A 239 -11.32 11.12 15.45
N PHE A 240 -11.20 11.37 14.14
CA PHE A 240 -11.37 10.33 13.13
C PHE A 240 -10.08 9.65 12.68
N MET A 241 -8.93 10.30 12.92
CA MET A 241 -7.65 9.76 12.47
C MET A 241 -7.27 8.36 12.96
N PRO A 242 -7.59 8.01 14.22
CA PRO A 242 -7.22 6.67 14.69
C PRO A 242 -7.88 5.57 13.85
N ARG A 243 -9.10 5.82 13.38
CA ARG A 243 -9.82 4.85 12.56
C ARG A 243 -9.13 4.68 11.21
N LEU A 244 -8.78 5.80 10.60
CA LEU A 244 -8.11 5.79 9.31
C LEU A 244 -6.82 4.98 9.40
N ALA A 245 -6.04 5.20 10.45
CA ALA A 245 -4.82 4.44 10.66
C ALA A 245 -5.17 2.97 10.78
N GLY A 246 -6.34 2.71 11.38
CA GLY A 246 -6.78 1.33 11.56
C GLY A 246 -7.06 0.67 10.23
N MET A 247 -7.66 1.42 9.31
CA MET A 247 -7.97 0.91 7.99
C MET A 247 -6.73 0.67 7.11
N ARG A 248 -5.78 1.62 7.07
CA ARG A 248 -4.58 1.46 6.23
C ARG A 248 -3.69 0.34 6.75
N GLN A 249 -3.94 -0.06 7.98
CA GLN A 249 -3.21 -1.12 8.64
C GLN A 249 -3.45 -2.47 7.94
N TRP A 250 -4.66 -2.64 7.40
CA TRP A 250 -5.05 -3.87 6.71
C TRP A 250 -4.71 -3.84 5.21
N THR A 251 -4.61 -2.65 4.63
CA THR A 251 -4.29 -2.58 3.23
C THR A 251 -2.80 -2.81 2.98
N SER A 252 -1.93 -2.06 3.65
CA SER A 252 -0.49 -2.28 3.46
C SER A 252 0.29 -2.25 4.76
N PHE A 253 -0.43 -2.08 5.88
CA PHE A 253 0.13 -2.03 7.23
C PHE A 253 0.86 -0.73 7.55
N SER A 254 1.99 -0.50 6.87
CA SER A 254 2.76 0.71 7.09
C SER A 254 3.58 1.09 5.85
N ALA A 255 3.93 2.36 5.74
CA ALA A 255 4.70 2.87 4.60
C ALA A 255 6.18 2.51 4.74
N PRO A 256 6.92 2.43 3.61
CA PRO A 256 8.36 2.08 3.59
C PRO A 256 9.13 2.90 4.63
N THR A 257 9.72 2.22 5.60
CA THR A 257 10.42 2.91 6.68
C THR A 257 11.59 3.83 6.30
N PRO A 258 12.60 3.33 5.57
CA PRO A 258 13.70 4.22 5.22
C PRO A 258 13.27 5.41 4.38
N LEU A 259 12.23 5.22 3.55
CA LEU A 259 11.73 6.30 2.73
C LEU A 259 10.99 7.33 3.62
N GLN A 260 10.24 6.84 4.60
CA GLN A 260 9.54 7.73 5.53
C GLN A 260 10.56 8.59 6.29
N ALA A 261 11.65 7.94 6.73
CA ALA A 261 12.72 8.61 7.47
C ALA A 261 13.39 9.69 6.61
N GLY A 262 13.72 9.34 5.37
CA GLY A 262 14.37 10.29 4.48
C GLY A 262 13.45 11.46 4.17
N VAL A 263 12.18 11.18 3.93
CA VAL A 263 11.22 12.22 3.63
C VAL A 263 11.03 13.18 4.81
N ALA A 264 11.06 12.66 6.03
CA ALA A 264 10.90 13.48 7.23
C ALA A 264 11.94 14.61 7.25
N GLU A 265 13.21 14.25 7.09
CA GLU A 265 14.29 15.25 7.07
C GLU A 265 14.13 16.16 5.87
N ALA A 266 13.83 15.55 4.72
CA ALA A 266 13.68 16.28 3.47
C ALA A 266 12.61 17.37 3.52
N LEU A 267 11.49 17.08 4.16
CA LEU A 267 10.40 18.05 4.25
C LEU A 267 10.87 19.30 4.98
N LYS A 268 11.69 19.11 6.01
CA LYS A 268 12.18 20.25 6.76
C LYS A 268 13.24 21.00 5.96
N LEU A 269 14.19 20.28 5.39
CA LEU A 269 15.24 20.92 4.59
C LEU A 269 14.63 21.70 3.44
N ALA A 270 13.64 21.11 2.76
CA ALA A 270 12.98 21.76 1.64
C ALA A 270 12.40 23.12 2.01
N ARG A 271 11.77 23.20 3.19
CA ARG A 271 11.16 24.44 3.67
C ARG A 271 12.18 25.54 3.93
N ARG A 272 13.32 25.17 4.49
CA ARG A 272 14.33 26.16 4.83
C ARG A 272 15.37 26.49 3.77
N GLU A 273 15.43 25.72 2.69
CA GLU A 273 16.39 26.01 1.63
C GLU A 273 15.70 26.60 0.38
N GLY A 274 14.43 26.96 0.53
CA GLY A 274 13.68 27.52 -0.58
C GLY A 274 13.55 26.60 -1.78
N PHE A 275 13.42 25.30 -1.53
CA PHE A 275 13.29 24.32 -2.60
C PHE A 275 11.99 24.44 -3.40
N TYR A 276 10.86 24.57 -2.69
CA TYR A 276 9.56 24.66 -3.36
C TYR A 276 9.47 25.88 -4.27
N GLU A 277 10.11 26.96 -3.84
CA GLU A 277 10.12 28.21 -4.57
C GLU A 277 10.86 28.04 -5.89
N ALA A 278 12.01 27.37 -5.82
CA ALA A 278 12.82 27.13 -7.01
C ALA A 278 12.12 26.15 -7.95
N LEU A 279 11.43 25.15 -7.38
CA LEU A 279 10.71 24.15 -8.16
C LEU A 279 9.60 24.81 -8.97
N ARG A 280 8.81 25.67 -8.31
CA ARG A 280 7.72 26.38 -8.97
C ARG A 280 8.23 27.19 -10.16
N GLU A 281 9.40 27.80 -10.00
CA GLU A 281 9.96 28.59 -11.06
C GLU A 281 10.40 27.71 -12.23
N GLY A 282 10.98 26.55 -11.93
CA GLY A 282 11.40 25.66 -12.98
C GLY A 282 10.20 25.16 -13.77
N TYR A 283 9.09 24.92 -13.07
CA TYR A 283 7.88 24.45 -13.73
C TYR A 283 7.19 25.55 -14.53
N ARG A 284 7.14 26.78 -13.99
CA ARG A 284 6.50 27.88 -14.71
C ARG A 284 7.20 28.09 -16.05
N ARG A 285 8.53 27.96 -16.03
CA ARG A 285 9.33 28.13 -17.23
C ARG A 285 8.92 27.10 -18.30
N ARG A 286 8.70 25.87 -17.87
CA ARG A 286 8.33 24.81 -18.81
C ARG A 286 6.88 24.88 -19.24
N ARG A 287 6.02 25.37 -18.36
CA ARG A 287 4.61 25.54 -18.69
C ARG A 287 4.51 26.53 -19.86
N ASP A 288 5.21 27.66 -19.72
CA ASP A 288 5.18 28.69 -20.75
C ASP A 288 5.80 28.22 -22.05
N LEU A 289 6.86 27.42 -21.93
CA LEU A 289 7.54 26.88 -23.10
C LEU A 289 6.55 26.02 -23.90
N LEU A 290 5.89 25.09 -23.23
CA LEU A 290 4.95 24.19 -23.87
C LEU A 290 3.76 24.97 -24.44
N ALA A 291 3.11 25.77 -23.59
CA ALA A 291 1.96 26.58 -23.97
C ALA A 291 2.26 27.48 -25.18
N GLY A 292 3.38 28.18 -25.12
CA GLY A 292 3.75 29.04 -26.23
C GLY A 292 3.96 28.26 -27.52
N GLY A 293 4.63 27.13 -27.42
CA GLY A 293 4.90 26.30 -28.59
C GLY A 293 3.64 25.76 -29.23
N LEU A 294 2.65 25.39 -28.41
CA LEU A 294 1.40 24.86 -28.93
C LEU A 294 0.55 26.01 -29.54
N ARG A 295 0.57 27.17 -28.88
CA ARG A 295 -0.17 28.36 -29.36
C ARG A 295 0.32 28.65 -30.78
N ALA A 296 1.65 28.68 -30.93
CA ALA A 296 2.30 28.97 -32.20
C ALA A 296 1.88 28.02 -33.32
N MET A 297 1.38 26.85 -32.95
CA MET A 297 0.93 25.88 -33.93
C MET A 297 -0.52 26.17 -34.29
N GLY A 298 -1.09 27.18 -33.64
CA GLY A 298 -2.47 27.55 -33.89
C GLY A 298 -3.45 26.71 -33.09
N LEU A 299 -2.96 26.09 -32.01
CA LEU A 299 -3.84 25.26 -31.19
C LEU A 299 -4.44 26.02 -30.02
N ARG A 300 -5.58 25.53 -29.54
CA ARG A 300 -6.28 26.11 -28.40
C ARG A 300 -5.62 25.53 -27.17
N VAL A 301 -5.10 26.38 -26.29
CA VAL A 301 -4.43 25.92 -25.09
C VAL A 301 -4.96 26.58 -23.83
N TYR A 302 -5.20 25.77 -22.80
CA TYR A 302 -5.70 26.30 -21.54
C TYR A 302 -4.58 26.29 -20.50
N VAL A 303 -3.96 27.45 -20.30
CA VAL A 303 -2.86 27.63 -19.36
C VAL A 303 -3.30 27.33 -17.93
N PRO A 304 -2.66 26.35 -17.27
CA PRO A 304 -2.98 25.97 -15.90
C PRO A 304 -2.43 26.92 -14.83
N GLU A 305 -3.08 26.91 -13.66
CA GLU A 305 -2.63 27.75 -12.56
C GLU A 305 -1.79 26.90 -11.60
N GLY A 306 -1.89 25.58 -11.72
CA GLY A 306 -1.17 24.67 -10.85
C GLY A 306 -0.93 23.29 -11.47
N THR A 307 -0.22 22.43 -10.74
CA THR A 307 0.16 21.07 -11.16
C THR A 307 1.09 21.19 -12.37
N TYR A 308 1.61 20.07 -12.85
CA TYR A 308 2.46 20.13 -14.03
C TYR A 308 1.76 19.55 -15.27
N PHE A 309 0.48 19.83 -15.39
CA PHE A 309 -0.33 19.38 -16.53
C PHE A 309 -1.02 20.57 -17.19
N LEU A 310 -1.30 20.45 -18.48
CA LEU A 310 -2.03 21.47 -19.20
C LEU A 310 -2.84 20.77 -20.28
N MET A 311 -3.98 21.34 -20.62
CA MET A 311 -4.81 20.73 -21.64
C MET A 311 -4.85 21.56 -22.91
N ALA A 312 -5.02 20.88 -24.03
CA ALA A 312 -5.07 21.57 -25.30
C ALA A 312 -5.92 20.77 -26.29
N GLU A 313 -6.30 21.41 -27.38
CA GLU A 313 -7.11 20.77 -28.39
C GLU A 313 -6.34 20.51 -29.67
N LEU A 314 -6.35 19.26 -30.10
CA LEU A 314 -5.69 18.86 -31.34
C LEU A 314 -6.82 18.24 -32.17
N PRO A 315 -7.45 19.04 -33.03
CA PRO A 315 -8.56 18.60 -33.89
C PRO A 315 -8.28 17.39 -34.80
N GLY A 316 -9.18 16.41 -34.75
CA GLY A 316 -9.04 15.25 -35.60
C GLY A 316 -7.98 14.22 -35.26
N TRP A 317 -7.67 14.08 -33.98
CA TRP A 317 -6.67 13.11 -33.55
C TRP A 317 -7.14 12.28 -32.38
N ASP A 318 -6.55 11.10 -32.26
CA ASP A 318 -6.87 10.23 -31.13
C ASP A 318 -5.52 9.80 -30.58
N ALA A 319 -5.46 9.68 -29.25
CA ALA A 319 -4.23 9.31 -28.55
C ALA A 319 -3.36 8.25 -29.21
N PHE A 320 -3.96 7.11 -29.56
CA PHE A 320 -3.18 6.03 -30.15
C PHE A 320 -2.64 6.31 -31.54
N ARG A 321 -3.39 7.03 -32.35
CA ARG A 321 -2.92 7.35 -33.68
C ARG A 321 -1.72 8.30 -33.53
N LEU A 322 -1.84 9.27 -32.62
CA LEU A 322 -0.78 10.23 -32.35
C LEU A 322 0.52 9.58 -31.88
N VAL A 323 0.41 8.69 -30.89
CA VAL A 323 1.60 8.04 -30.35
C VAL A 323 2.35 7.27 -31.42
N GLU A 324 1.62 6.68 -32.36
CA GLU A 324 2.27 5.92 -33.43
C GLU A 324 2.76 6.76 -34.59
N GLU A 325 1.98 7.74 -35.01
CA GLU A 325 2.39 8.58 -36.15
C GLU A 325 3.32 9.72 -35.78
N ALA A 326 3.02 10.41 -34.68
CA ALA A 326 3.85 11.52 -34.25
C ALA A 326 4.92 11.13 -33.23
N ARG A 327 4.79 9.94 -32.64
CA ARG A 327 5.75 9.47 -31.64
C ARG A 327 5.73 10.39 -30.42
N VAL A 328 4.52 10.77 -30.02
CA VAL A 328 4.28 11.62 -28.85
C VAL A 328 3.08 11.04 -28.12
N ALA A 329 3.26 10.72 -26.84
CA ALA A 329 2.21 10.14 -26.03
C ALA A 329 1.51 11.19 -25.17
N LEU A 330 0.19 11.26 -25.30
CA LEU A 330 -0.63 12.18 -24.54
C LEU A 330 -1.76 11.35 -23.96
N ILE A 331 -2.52 11.94 -23.05
CA ILE A 331 -3.64 11.24 -22.45
C ILE A 331 -4.91 11.92 -22.97
N PRO A 332 -5.78 11.16 -23.65
CA PRO A 332 -7.04 11.67 -24.20
C PRO A 332 -8.06 12.04 -23.14
N ALA A 333 -8.89 13.02 -23.47
CA ALA A 333 -9.94 13.52 -22.57
C ALA A 333 -10.82 12.41 -22.02
N SER A 334 -11.11 11.41 -22.84
CA SER A 334 -11.95 10.30 -22.42
C SER A 334 -11.43 9.56 -21.18
N ALA A 335 -10.23 9.91 -20.73
CA ALA A 335 -9.63 9.28 -19.57
C ALA A 335 -10.10 9.94 -18.29
N PHE A 336 -10.58 11.17 -18.39
CA PHE A 336 -11.03 11.95 -17.24
C PHE A 336 -12.53 12.19 -17.22
N TYR A 337 -13.22 11.82 -18.29
CA TYR A 337 -14.67 12.00 -18.40
C TYR A 337 -15.37 10.65 -18.49
N LEU A 338 -16.49 10.51 -17.78
CA LEU A 338 -17.24 9.26 -17.79
C LEU A 338 -17.97 9.04 -19.11
N GLU A 339 -18.67 10.06 -19.59
CA GLU A 339 -19.41 9.97 -20.85
C GLU A 339 -19.30 11.25 -21.66
N ASP A 340 -19.49 11.11 -22.97
CA ASP A 340 -19.45 12.25 -23.87
C ASP A 340 -18.39 13.29 -23.49
N PRO A 341 -17.10 12.95 -23.67
CA PRO A 341 -16.02 13.88 -23.34
C PRO A 341 -15.80 14.91 -24.45
N PRO A 342 -15.23 16.08 -24.09
CA PRO A 342 -14.96 17.13 -25.07
C PRO A 342 -14.16 16.58 -26.26
N LYS A 343 -14.54 17.00 -27.47
CA LYS A 343 -13.88 16.53 -28.68
C LYS A 343 -12.45 17.07 -28.87
N ASP A 344 -11.50 16.17 -29.12
CA ASP A 344 -10.12 16.56 -29.37
C ASP A 344 -9.37 17.24 -28.22
N LEU A 345 -9.75 16.93 -26.98
CA LEU A 345 -9.08 17.54 -25.82
C LEU A 345 -8.09 16.55 -25.25
N PHE A 346 -6.83 16.97 -25.14
CA PHE A 346 -5.77 16.11 -24.61
C PHE A 346 -5.03 16.74 -23.44
N ARG A 347 -4.47 15.90 -22.57
CA ARG A 347 -3.70 16.39 -21.43
C ARG A 347 -2.21 16.20 -21.73
N PHE A 348 -1.43 17.25 -21.45
CA PHE A 348 0.03 17.23 -21.64
C PHE A 348 0.70 17.31 -20.27
N ALA A 349 1.75 16.52 -20.04
CA ALA A 349 2.48 16.58 -18.78
C ALA A 349 3.78 17.32 -19.14
N PHE A 350 4.15 18.35 -18.39
CA PHE A 350 5.38 19.05 -18.73
C PHE A 350 6.47 18.92 -17.67
N CYS A 351 6.39 17.84 -16.90
CA CYS A 351 7.39 17.56 -15.88
C CYS A 351 8.48 16.74 -16.56
N LYS A 352 8.98 17.27 -17.67
CA LYS A 352 10.01 16.62 -18.48
C LYS A 352 11.13 17.62 -18.71
N THR A 353 12.22 17.18 -19.34
CA THR A 353 13.32 18.09 -19.62
C THR A 353 12.89 19.01 -20.75
N GLU A 354 13.56 20.16 -20.88
CA GLU A 354 13.22 21.10 -21.94
C GLU A 354 13.45 20.43 -23.28
N GLU A 355 14.46 19.56 -23.36
CA GLU A 355 14.77 18.88 -24.60
C GLU A 355 13.61 17.99 -25.03
N GLU A 356 13.03 17.26 -24.08
CA GLU A 356 11.90 16.40 -24.39
C GLU A 356 10.70 17.22 -24.84
N LEU A 357 10.50 18.38 -24.22
CA LEU A 357 9.39 19.25 -24.59
C LEU A 357 9.58 19.82 -25.99
N HIS A 358 10.79 20.23 -26.32
CA HIS A 358 11.06 20.75 -27.65
C HIS A 358 10.94 19.64 -28.69
N LEU A 359 11.34 18.43 -28.33
CA LEU A 359 11.27 17.30 -29.23
C LEU A 359 9.79 17.05 -29.57
N ALA A 360 8.94 17.10 -28.54
CA ALA A 360 7.51 16.89 -28.75
C ALA A 360 6.90 17.98 -29.64
N LEU A 361 7.34 19.22 -29.44
CA LEU A 361 6.80 20.32 -30.24
C LEU A 361 7.20 20.17 -31.69
N GLU A 362 8.44 19.75 -31.92
CA GLU A 362 8.93 19.56 -33.28
C GLU A 362 8.11 18.46 -33.95
N ARG A 363 7.93 17.35 -33.27
CA ARG A 363 7.20 16.22 -33.82
C ARG A 363 5.72 16.54 -34.05
N LEU A 364 5.07 17.18 -33.08
CA LEU A 364 3.66 17.53 -33.26
C LEU A 364 3.56 18.53 -34.41
N GLY A 365 4.59 19.36 -34.53
CA GLY A 365 4.63 20.37 -35.57
C GLY A 365 4.54 19.82 -36.97
N ARG A 366 5.39 18.86 -37.30
CA ARG A 366 5.38 18.27 -38.64
C ARG A 366 4.03 17.65 -38.95
N VAL A 367 3.54 16.86 -38.01
CA VAL A 367 2.25 16.18 -38.17
C VAL A 367 1.09 17.16 -37.94
N VAL A 368 1.43 18.45 -37.82
CA VAL A 368 0.48 19.53 -37.59
C VAL A 368 -0.67 19.13 -36.68
N MET B 1 -22.62 13.64 11.46
CA MET B 1 -21.60 12.96 10.61
C MET B 1 -20.81 11.92 11.39
N ARG B 2 -20.70 10.73 10.82
CA ARG B 2 -19.94 9.66 11.45
C ARG B 2 -19.31 8.79 10.38
N LEU B 3 -18.32 8.00 10.78
CA LEU B 3 -17.64 7.12 9.84
C LEU B 3 -18.54 5.94 9.50
N HIS B 4 -18.34 5.39 8.30
CA HIS B 4 -19.12 4.25 7.86
C HIS B 4 -18.91 3.06 8.80
N PRO B 5 -19.98 2.29 9.07
CA PRO B 5 -19.94 1.12 9.96
C PRO B 5 -18.83 0.12 9.67
N ARG B 6 -18.38 0.08 8.43
CA ARG B 6 -17.31 -0.84 8.03
C ARG B 6 -16.07 -0.63 8.90
N THR B 7 -15.88 0.59 9.37
CA THR B 7 -14.72 0.93 10.21
C THR B 7 -14.69 0.21 11.55
N GLU B 8 -15.62 -0.73 11.78
CA GLU B 8 -15.66 -1.50 13.01
C GLU B 8 -14.37 -2.29 13.08
N ALA B 9 -13.91 -2.72 11.89
CA ALA B 9 -12.70 -3.51 11.78
C ALA B 9 -11.43 -2.71 12.00
N ALA B 10 -11.53 -1.39 11.88
CA ALA B 10 -10.37 -0.52 12.04
C ALA B 10 -9.87 -0.37 13.48
N LYS B 11 -9.68 -1.50 14.15
CA LYS B 11 -9.19 -1.47 15.52
C LYS B 11 -7.67 -1.52 15.47
N GLU B 12 -7.01 -0.77 16.35
CA GLU B 12 -5.56 -0.77 16.39
C GLU B 12 -5.07 -2.19 16.60
N SER B 13 -4.06 -2.58 15.83
CA SER B 13 -3.49 -3.92 15.95
C SER B 13 -2.66 -4.03 17.22
N ILE B 14 -2.82 -5.14 17.94
CA ILE B 14 -2.10 -5.35 19.20
C ILE B 14 -0.59 -5.44 19.01
N PHE B 15 -0.15 -5.87 17.83
CA PHE B 15 1.27 -6.02 17.57
C PHE B 15 2.08 -4.72 17.62
N PRO B 16 1.67 -3.70 16.84
CA PRO B 16 2.47 -2.47 16.93
C PRO B 16 2.19 -1.75 18.25
N ARG B 17 1.02 -1.99 18.84
CA ARG B 17 0.67 -1.35 20.10
C ARG B 17 1.60 -1.84 21.22
N MET B 18 1.84 -3.15 21.27
CA MET B 18 2.72 -3.73 22.28
C MET B 18 4.16 -3.27 22.10
N SER B 19 4.56 -3.03 20.84
CA SER B 19 5.91 -2.56 20.57
C SER B 19 6.07 -1.14 21.13
N GLY B 20 5.02 -0.33 20.99
CA GLY B 20 5.09 1.03 21.52
C GLY B 20 5.13 1.00 23.03
N LEU B 21 4.42 0.04 23.63
CA LEU B 21 4.36 -0.11 25.08
C LEU B 21 5.70 -0.62 25.61
N ALA B 22 6.32 -1.53 24.87
CA ALA B 22 7.62 -2.07 25.27
C ALA B 22 8.67 -0.96 25.25
N GLN B 23 8.57 -0.08 24.25
CA GLN B 23 9.51 1.03 24.14
C GLN B 23 9.40 2.01 25.29
N ARG B 24 8.17 2.36 25.67
CA ARG B 24 7.94 3.29 26.77
C ARG B 24 8.42 2.71 28.11
N LEU B 25 8.11 1.43 28.35
CA LEU B 25 8.49 0.75 29.59
C LEU B 25 9.93 0.25 29.62
N GLY B 26 10.68 0.46 28.55
CA GLY B 26 12.05 -0.01 28.52
C GLY B 26 12.12 -1.51 28.68
N ALA B 27 11.18 -2.22 28.06
CA ALA B 27 11.11 -3.67 28.13
C ALA B 27 11.68 -4.32 26.87
N VAL B 28 12.16 -5.56 26.99
CA VAL B 28 12.72 -6.30 25.86
C VAL B 28 11.51 -6.72 25.00
N ASN B 29 11.51 -6.31 23.73
CA ASN B 29 10.40 -6.60 22.84
C ASN B 29 10.50 -7.92 22.10
N LEU B 30 9.80 -8.94 22.59
CA LEU B 30 9.78 -10.25 21.95
C LEU B 30 8.36 -10.51 21.47
N GLY B 31 7.67 -9.43 21.13
CA GLY B 31 6.31 -9.54 20.65
C GLY B 31 6.25 -9.46 19.14
N GLN B 32 5.97 -8.27 18.62
CA GLN B 32 5.90 -8.06 17.18
C GLN B 32 7.18 -8.62 16.57
N GLY B 33 7.04 -9.38 15.49
CA GLY B 33 8.22 -9.96 14.86
C GLY B 33 8.98 -9.11 13.85
N PHE B 34 10.17 -8.66 14.24
CA PHE B 34 11.04 -7.90 13.35
C PHE B 34 12.47 -7.95 13.90
N PRO B 35 13.44 -8.34 13.05
CA PRO B 35 14.86 -8.46 13.39
C PRO B 35 15.46 -7.22 14.04
N SER B 36 16.43 -7.45 14.93
CA SER B 36 17.13 -6.38 15.64
C SER B 36 18.28 -5.90 14.76
N ASN B 37 18.84 -6.84 14.02
CA ASN B 37 19.96 -6.55 13.12
C ASN B 37 19.44 -5.90 11.84
N PRO B 38 20.34 -5.33 11.02
CA PRO B 38 19.90 -4.71 9.78
C PRO B 38 19.95 -5.74 8.65
N PRO B 39 19.35 -5.43 7.50
CA PRO B 39 19.37 -6.38 6.39
C PRO B 39 20.80 -6.63 5.90
N PRO B 40 21.01 -7.68 5.08
CA PRO B 40 22.34 -7.99 4.55
C PRO B 40 22.93 -6.89 3.67
N PRO B 41 24.26 -6.74 3.70
CA PRO B 41 24.99 -5.73 2.93
C PRO B 41 24.64 -5.67 1.45
N PHE B 42 24.54 -6.82 0.80
CA PHE B 42 24.24 -6.84 -0.62
C PHE B 42 22.88 -6.26 -0.99
N LEU B 43 21.94 -6.24 -0.05
CA LEU B 43 20.63 -5.65 -0.32
C LEU B 43 20.75 -4.13 -0.15
N LEU B 44 21.46 -3.71 0.90
CA LEU B 44 21.64 -2.28 1.15
C LEU B 44 22.37 -1.64 -0.03
N GLU B 45 23.39 -2.33 -0.54
CA GLU B 45 24.16 -1.83 -1.67
C GLU B 45 23.31 -1.69 -2.92
N ALA B 46 22.50 -2.71 -3.18
CA ALA B 46 21.63 -2.72 -4.35
C ALA B 46 20.61 -1.56 -4.27
N VAL B 47 20.13 -1.24 -3.08
CA VAL B 47 19.16 -0.14 -2.97
C VAL B 47 19.88 1.19 -3.23
N ARG B 48 21.09 1.31 -2.69
CA ARG B 48 21.89 2.51 -2.88
C ARG B 48 22.16 2.80 -4.35
N ARG B 49 22.47 1.77 -5.14
CA ARG B 49 22.74 1.98 -6.56
C ARG B 49 21.49 2.43 -7.32
N ALA B 50 20.32 2.11 -6.77
CA ALA B 50 19.06 2.48 -7.40
C ALA B 50 18.62 3.90 -7.07
N LEU B 51 19.02 4.40 -5.90
CA LEU B 51 18.64 5.75 -5.50
C LEU B 51 19.17 6.76 -6.51
N GLY B 52 18.28 7.60 -7.02
CA GLY B 52 18.68 8.58 -8.01
C GLY B 52 18.51 8.10 -9.45
N ARG B 53 18.31 6.79 -9.62
CA ARG B 53 18.15 6.21 -10.95
C ARG B 53 16.74 5.68 -11.18
N GLN B 54 16.21 5.00 -10.18
CA GLN B 54 14.88 4.43 -10.27
C GLN B 54 14.03 4.91 -9.10
N ASP B 55 13.55 6.14 -9.20
CA ASP B 55 12.75 6.75 -8.14
C ASP B 55 11.29 7.01 -8.50
N GLN B 56 10.95 6.93 -9.79
CA GLN B 56 9.59 7.22 -10.21
C GLN B 56 8.69 5.99 -10.27
N TYR B 57 7.40 6.20 -10.56
CA TYR B 57 6.42 5.12 -10.64
C TYR B 57 6.87 3.90 -11.41
N ALA B 58 6.64 2.74 -10.80
CA ALA B 58 6.93 1.47 -11.45
C ALA B 58 5.54 0.99 -11.91
N PRO B 59 5.49 0.00 -12.82
CA PRO B 59 4.18 -0.47 -13.26
C PRO B 59 3.46 -1.13 -12.09
N PRO B 60 2.12 -1.03 -12.04
CA PRO B 60 1.36 -1.65 -10.93
C PRO B 60 1.76 -3.11 -10.68
N ALA B 61 1.83 -3.90 -11.73
CA ALA B 61 2.17 -5.33 -11.59
C ALA B 61 3.58 -5.54 -11.04
N GLY B 62 4.41 -4.51 -11.15
CA GLY B 62 5.76 -4.60 -10.62
C GLY B 62 6.87 -4.26 -11.61
N LEU B 63 8.05 -3.96 -11.08
CA LEU B 63 9.20 -3.65 -11.92
C LEU B 63 9.58 -4.94 -12.67
N PRO B 64 9.73 -4.86 -13.99
CA PRO B 64 10.09 -6.03 -14.80
C PRO B 64 11.20 -6.91 -14.20
N ALA B 65 12.26 -6.29 -13.69
CA ALA B 65 13.37 -7.04 -13.10
C ALA B 65 12.96 -7.88 -11.89
N LEU B 66 12.05 -7.34 -11.08
CA LEU B 66 11.60 -8.08 -9.90
C LEU B 66 10.69 -9.24 -10.32
N ARG B 67 9.74 -8.96 -11.20
CA ARG B 67 8.81 -10.00 -11.67
C ARG B 67 9.59 -11.16 -12.28
N GLU B 68 10.64 -10.83 -13.04
CA GLU B 68 11.46 -11.85 -13.67
C GLU B 68 12.32 -12.62 -12.68
N ALA B 69 12.89 -11.93 -11.69
CA ALA B 69 13.72 -12.60 -10.70
C ALA B 69 12.86 -13.60 -9.92
N LEU B 70 11.65 -13.16 -9.59
CA LEU B 70 10.71 -13.99 -8.85
C LEU B 70 10.26 -15.19 -9.70
N ALA B 71 9.94 -14.94 -10.97
CA ALA B 71 9.50 -16.01 -11.87
C ALA B 71 10.55 -17.12 -11.96
N GLU B 72 11.82 -16.74 -11.92
CA GLU B 72 12.90 -17.71 -11.99
C GLU B 72 12.89 -18.62 -10.76
N GLU B 73 12.76 -18.03 -9.57
CA GLU B 73 12.73 -18.79 -8.33
C GLU B 73 11.57 -19.74 -8.23
N PHE B 74 10.42 -19.35 -8.80
CA PHE B 74 9.23 -20.17 -8.73
C PHE B 74 9.01 -21.05 -9.96
N ALA B 75 9.90 -20.93 -10.94
CA ALA B 75 9.77 -21.73 -12.16
C ALA B 75 8.43 -21.48 -12.83
N VAL B 76 8.14 -20.21 -13.10
CA VAL B 76 6.90 -19.81 -13.75
C VAL B 76 7.25 -18.62 -14.63
N GLU B 77 6.31 -18.15 -15.44
CA GLU B 77 6.62 -17.00 -16.28
C GLU B 77 6.28 -15.72 -15.52
N PRO B 78 6.85 -14.58 -15.93
CA PRO B 78 6.61 -13.28 -15.30
C PRO B 78 5.14 -12.87 -15.22
N GLU B 79 4.34 -13.29 -16.20
CA GLU B 79 2.94 -12.91 -16.22
C GLU B 79 2.14 -13.47 -15.04
N SER B 80 2.67 -14.45 -14.33
CA SER B 80 1.94 -14.99 -13.20
C SER B 80 2.45 -14.47 -11.85
N VAL B 81 3.28 -13.43 -11.90
CA VAL B 81 3.80 -12.81 -10.70
C VAL B 81 3.35 -11.34 -10.60
N VAL B 82 2.79 -10.97 -9.44
CA VAL B 82 2.37 -9.60 -9.23
C VAL B 82 3.01 -9.09 -7.94
N VAL B 83 3.65 -7.92 -8.01
CA VAL B 83 4.33 -7.36 -6.85
C VAL B 83 3.41 -6.44 -6.05
N THR B 84 3.30 -6.73 -4.76
CA THR B 84 2.46 -5.96 -3.87
C THR B 84 3.30 -5.20 -2.84
N SER B 85 2.69 -4.21 -2.20
CA SER B 85 3.37 -3.40 -1.19
C SER B 85 3.36 -4.21 0.10
N GLY B 86 4.20 -5.24 0.17
CA GLY B 86 4.23 -6.10 1.34
C GLY B 86 3.21 -7.22 1.17
N ALA B 87 3.42 -8.33 1.88
CA ALA B 87 2.49 -9.46 1.78
C ALA B 87 1.11 -9.05 2.30
N THR B 88 1.09 -8.09 3.22
CA THR B 88 -0.16 -7.63 3.79
C THR B 88 -1.10 -7.14 2.70
N GLU B 89 -0.57 -6.49 1.67
CA GLU B 89 -1.43 -6.00 0.61
C GLU B 89 -1.87 -7.16 -0.26
N ALA B 90 -0.97 -8.13 -0.44
CA ALA B 90 -1.27 -9.31 -1.24
C ALA B 90 -2.53 -9.98 -0.66
N LEU B 91 -2.53 -10.20 0.65
CA LEU B 91 -3.66 -10.82 1.33
C LEU B 91 -4.95 -10.03 1.19
N TYR B 92 -4.88 -8.72 1.37
CA TYR B 92 -6.07 -7.88 1.28
C TYR B 92 -6.68 -7.90 -0.12
N VAL B 93 -5.82 -7.75 -1.12
CA VAL B 93 -6.27 -7.72 -2.51
C VAL B 93 -6.84 -9.07 -2.94
N LEU B 94 -6.26 -10.14 -2.41
CA LEU B 94 -6.68 -11.50 -2.72
C LEU B 94 -8.11 -11.74 -2.22
N LEU B 95 -8.34 -11.50 -0.93
CA LEU B 95 -9.67 -11.71 -0.39
C LEU B 95 -10.69 -10.80 -1.07
N GLN B 96 -10.28 -9.58 -1.36
CA GLN B 96 -11.15 -8.62 -2.03
C GLN B 96 -11.51 -9.13 -3.42
N SER B 97 -10.64 -9.97 -3.99
CA SER B 97 -10.84 -10.50 -5.33
C SER B 97 -11.53 -11.86 -5.43
N LEU B 98 -11.42 -12.67 -4.38
CA LEU B 98 -12.00 -14.01 -4.37
C LEU B 98 -13.36 -14.18 -3.68
N VAL B 99 -13.61 -13.43 -2.62
CA VAL B 99 -14.86 -13.57 -1.88
C VAL B 99 -15.63 -12.28 -1.59
N GLY B 100 -16.93 -12.42 -1.36
CA GLY B 100 -17.78 -11.28 -1.08
C GLY B 100 -18.99 -11.68 -0.26
N PRO B 101 -20.07 -10.88 -0.26
CA PRO B 101 -21.27 -11.22 0.50
C PRO B 101 -21.84 -12.58 0.10
N GLY B 102 -22.10 -13.42 1.09
CA GLY B 102 -22.65 -14.75 0.81
C GLY B 102 -21.61 -15.85 0.72
N ASP B 103 -20.37 -15.47 0.46
CA ASP B 103 -19.28 -16.45 0.34
C ASP B 103 -18.69 -16.67 1.73
N GLU B 104 -18.05 -17.82 1.91
CA GLU B 104 -17.39 -18.13 3.17
C GLU B 104 -15.94 -18.44 2.84
N VAL B 105 -15.06 -18.26 3.82
CA VAL B 105 -13.64 -18.52 3.66
C VAL B 105 -13.18 -19.31 4.87
N VAL B 106 -12.43 -20.39 4.64
CA VAL B 106 -11.96 -21.18 5.76
C VAL B 106 -10.60 -20.69 6.22
N VAL B 107 -10.48 -20.47 7.52
CA VAL B 107 -9.25 -19.99 8.12
C VAL B 107 -8.86 -20.88 9.29
N LEU B 108 -7.62 -21.34 9.33
CA LEU B 108 -7.16 -22.18 10.43
C LEU B 108 -6.86 -21.25 11.62
N GLU B 109 -7.15 -21.74 12.81
CA GLU B 109 -6.94 -21.00 14.06
C GLU B 109 -5.93 -21.81 14.87
N PRO B 110 -4.93 -21.14 15.49
CA PRO B 110 -4.61 -19.71 15.56
C PRO B 110 -4.25 -19.06 14.22
N PHE B 111 -4.81 -17.87 14.00
CA PHE B 111 -4.60 -17.12 12.77
C PHE B 111 -3.65 -15.93 12.89
N PHE B 112 -3.31 -15.38 11.74
CA PHE B 112 -2.43 -14.22 11.64
C PHE B 112 -3.34 -12.99 11.67
N ASP B 113 -2.90 -11.98 12.38
CA ASP B 113 -3.64 -10.74 12.60
C ASP B 113 -4.50 -10.20 11.45
N VAL B 114 -4.00 -10.33 10.24
CA VAL B 114 -4.66 -9.80 9.05
C VAL B 114 -5.84 -10.58 8.42
N TYR B 115 -5.92 -11.88 8.69
CA TYR B 115 -6.95 -12.74 8.10
C TYR B 115 -8.43 -12.37 8.32
N LEU B 116 -8.87 -12.33 9.56
CA LEU B 116 -10.27 -12.00 9.85
C LEU B 116 -10.68 -10.61 9.38
N PRO B 117 -9.86 -9.58 9.67
CA PRO B 117 -10.26 -8.24 9.21
C PRO B 117 -10.41 -8.19 7.69
N ASP B 118 -9.51 -8.87 6.97
CA ASP B 118 -9.58 -8.89 5.51
C ASP B 118 -10.86 -9.59 5.03
N ALA B 119 -11.22 -10.69 5.68
CA ALA B 119 -12.43 -11.42 5.32
C ALA B 119 -13.63 -10.49 5.53
N PHE B 120 -13.68 -9.86 6.69
CA PHE B 120 -14.75 -8.94 7.03
C PHE B 120 -14.87 -7.75 6.07
N LEU B 121 -13.74 -7.16 5.69
CA LEU B 121 -13.79 -6.01 4.79
C LEU B 121 -14.20 -6.37 3.37
N ALA B 122 -14.12 -7.65 3.03
CA ALA B 122 -14.52 -8.10 1.69
C ALA B 122 -16.02 -8.44 1.69
N GLY B 123 -16.62 -8.48 2.88
CA GLY B 123 -18.04 -8.77 3.00
C GLY B 123 -18.37 -10.26 3.07
N ALA B 124 -17.36 -11.07 3.30
CA ALA B 124 -17.55 -12.50 3.37
C ALA B 124 -17.47 -12.98 4.82
N LYS B 125 -17.91 -14.21 5.05
CA LYS B 125 -17.89 -14.79 6.38
C LYS B 125 -16.74 -15.77 6.50
N ALA B 126 -16.03 -15.71 7.61
CA ALA B 126 -14.90 -16.59 7.85
C ALA B 126 -15.27 -17.72 8.81
N ARG B 127 -15.17 -18.96 8.34
CA ARG B 127 -15.46 -20.10 9.21
C ARG B 127 -14.12 -20.59 9.72
N LEU B 128 -13.97 -20.66 11.03
CA LEU B 128 -12.71 -21.09 11.64
C LEU B 128 -12.60 -22.58 11.90
N VAL B 129 -11.39 -23.10 11.79
CA VAL B 129 -11.10 -24.51 12.03
C VAL B 129 -9.89 -24.54 12.94
N ARG B 130 -10.13 -24.70 14.24
CA ARG B 130 -9.04 -24.72 15.21
C ARG B 130 -8.18 -25.97 15.17
N LEU B 131 -6.87 -25.78 15.27
CA LEU B 131 -5.92 -26.89 15.29
C LEU B 131 -5.92 -27.45 16.71
N ASP B 132 -5.53 -28.71 16.86
CA ASP B 132 -5.49 -29.34 18.17
C ASP B 132 -4.15 -29.14 18.85
N LEU B 133 -4.18 -28.74 20.11
CA LEU B 133 -2.95 -28.55 20.86
C LEU B 133 -2.74 -29.74 21.78
N THR B 134 -1.82 -30.61 21.40
CA THR B 134 -1.51 -31.81 22.18
C THR B 134 -0.27 -31.54 23.03
N PRO B 135 0.16 -32.54 23.82
CA PRO B 135 1.35 -32.35 24.66
C PRO B 135 2.59 -32.25 23.77
N GLU B 136 2.53 -32.92 22.61
CA GLU B 136 3.61 -32.91 21.65
C GLU B 136 3.69 -31.53 21.00
N GLY B 137 2.57 -31.09 20.45
CA GLY B 137 2.51 -29.79 19.80
C GLY B 137 1.18 -29.60 19.10
N PHE B 138 1.16 -28.72 18.11
CA PHE B 138 -0.06 -28.45 17.34
C PHE B 138 -0.20 -29.47 16.23
N ARG B 139 -1.44 -29.71 15.81
CA ARG B 139 -1.70 -30.64 14.73
C ARG B 139 -3.02 -30.36 14.04
N LEU B 140 -3.05 -30.56 12.73
CA LEU B 140 -4.27 -30.34 11.96
C LEU B 140 -5.08 -31.62 11.91
N ASP B 141 -6.39 -31.49 12.03
CA ASP B 141 -7.29 -32.62 11.99
C ASP B 141 -7.98 -32.55 10.63
N LEU B 142 -7.44 -33.28 9.65
CA LEU B 142 -7.99 -33.27 8.31
C LEU B 142 -9.50 -33.50 8.25
N SER B 143 -10.05 -34.21 9.23
CA SER B 143 -11.49 -34.47 9.29
C SER B 143 -12.21 -33.17 9.61
N ALA B 144 -11.72 -32.46 10.62
CA ALA B 144 -12.31 -31.19 11.04
C ALA B 144 -12.28 -30.20 9.89
N LEU B 145 -11.20 -30.23 9.11
CA LEU B 145 -11.04 -29.33 7.98
C LEU B 145 -12.18 -29.58 7.01
N GLU B 146 -12.33 -30.82 6.56
CA GLU B 146 -13.37 -31.19 5.61
C GLU B 146 -14.77 -30.90 6.15
N LYS B 147 -14.95 -31.10 7.45
CA LYS B 147 -16.25 -30.87 8.07
C LYS B 147 -16.72 -29.43 7.88
N ALA B 148 -15.78 -28.49 7.98
CA ALA B 148 -16.10 -27.06 7.86
C ALA B 148 -16.52 -26.58 6.47
N LEU B 149 -16.41 -27.44 5.47
CA LEU B 149 -16.79 -27.08 4.11
C LEU B 149 -18.30 -27.05 3.89
N THR B 150 -18.78 -25.99 3.24
CA THR B 150 -20.19 -25.84 2.96
C THR B 150 -20.36 -25.47 1.49
N PRO B 151 -21.62 -25.37 1.02
CA PRO B 151 -21.84 -25.02 -0.38
C PRO B 151 -21.45 -23.58 -0.71
N ARG B 152 -21.19 -22.79 0.33
CA ARG B 152 -20.82 -21.38 0.15
C ARG B 152 -19.31 -21.10 0.23
N THR B 153 -18.54 -22.11 0.62
CA THR B 153 -17.08 -21.97 0.74
C THR B 153 -16.42 -21.77 -0.62
N ARG B 154 -15.74 -20.64 -0.79
CA ARG B 154 -15.08 -20.35 -2.06
C ARG B 154 -13.57 -20.49 -1.98
N ALA B 155 -13.02 -20.43 -0.77
CA ALA B 155 -11.58 -20.53 -0.63
C ALA B 155 -11.11 -20.96 0.74
N LEU B 156 -9.85 -21.41 0.78
CA LEU B 156 -9.22 -21.86 2.00
C LEU B 156 -7.92 -21.05 2.10
N LEU B 157 -7.60 -20.58 3.30
CA LEU B 157 -6.39 -19.78 3.51
C LEU B 157 -5.41 -20.53 4.41
N LEU B 158 -4.27 -20.93 3.86
CA LEU B 158 -3.24 -21.65 4.60
C LEU B 158 -2.02 -20.76 4.81
N ASN B 159 -1.28 -21.04 5.88
CA ASN B 159 -0.08 -20.29 6.24
C ASN B 159 0.99 -21.28 6.68
N THR B 160 2.02 -21.46 5.86
CA THR B 160 3.10 -22.38 6.19
C THR B 160 4.44 -21.95 5.58
N PRO B 161 5.52 -21.90 6.38
CA PRO B 161 5.59 -22.21 7.82
C PRO B 161 4.58 -21.33 8.55
N MET B 162 3.83 -21.94 9.46
CA MET B 162 2.79 -21.22 10.18
C MET B 162 3.24 -20.31 11.31
N ASN B 163 2.59 -19.15 11.36
CA ASN B 163 2.81 -18.15 12.38
C ASN B 163 1.43 -18.11 13.05
N PRO B 164 1.36 -18.23 14.39
CA PRO B 164 2.40 -18.41 15.40
C PRO B 164 2.85 -19.81 15.80
N THR B 165 2.20 -20.84 15.26
CA THR B 165 2.56 -22.21 15.66
C THR B 165 3.94 -22.72 15.31
N GLY B 166 4.53 -22.20 14.23
CA GLY B 166 5.85 -22.66 13.83
C GLY B 166 5.73 -24.00 13.14
N LEU B 167 4.50 -24.35 12.81
CA LEU B 167 4.17 -25.60 12.17
C LEU B 167 4.45 -25.57 10.66
N VAL B 168 5.01 -26.66 10.14
CA VAL B 168 5.32 -26.77 8.73
C VAL B 168 4.49 -27.92 8.16
N PHE B 169 3.49 -27.60 7.34
CA PHE B 169 2.64 -28.62 6.76
C PHE B 169 3.42 -29.67 5.97
N GLY B 170 3.23 -30.92 6.34
CA GLY B 170 3.92 -32.01 5.67
C GLY B 170 3.36 -32.34 4.30
N GLU B 171 4.12 -33.10 3.54
CA GLU B 171 3.73 -33.50 2.18
C GLU B 171 2.36 -34.14 2.14
N ARG B 172 2.14 -35.13 2.98
CA ARG B 172 0.86 -35.83 3.01
C ARG B 172 -0.31 -34.89 3.24
N GLU B 173 -0.13 -33.93 4.15
CA GLU B 173 -1.20 -32.98 4.49
C GLU B 173 -1.52 -31.99 3.37
N LEU B 174 -0.50 -31.51 2.67
CA LEU B 174 -0.73 -30.58 1.57
C LEU B 174 -1.54 -31.27 0.48
N GLU B 175 -1.25 -32.56 0.27
CA GLU B 175 -1.95 -33.34 -0.75
C GLU B 175 -3.43 -33.47 -0.42
N ALA B 176 -3.74 -33.79 0.83
CA ALA B 176 -5.12 -33.93 1.26
C ALA B 176 -5.86 -32.62 1.01
N ILE B 177 -5.22 -31.52 1.38
CA ILE B 177 -5.82 -30.20 1.19
C ILE B 177 -6.03 -29.91 -0.29
N ALA B 178 -5.07 -30.33 -1.12
CA ALA B 178 -5.16 -30.11 -2.55
C ALA B 178 -6.37 -30.83 -3.15
N ARG B 179 -6.64 -32.05 -2.69
CA ARG B 179 -7.77 -32.81 -3.20
C ARG B 179 -9.10 -32.18 -2.84
N LEU B 180 -9.27 -31.83 -1.56
CA LEU B 180 -10.51 -31.22 -1.09
C LEU B 180 -10.81 -29.97 -1.91
N ALA B 181 -9.80 -29.12 -2.07
CA ALA B 181 -9.96 -27.89 -2.83
C ALA B 181 -10.36 -28.19 -4.27
N ARG B 182 -9.73 -29.20 -4.85
CA ARG B 182 -10.05 -29.58 -6.22
C ARG B 182 -11.46 -30.16 -6.33
N ALA B 183 -11.84 -31.01 -5.38
CA ALA B 183 -13.17 -31.62 -5.40
C ALA B 183 -14.25 -30.55 -5.31
N HIS B 184 -14.12 -29.67 -4.33
CA HIS B 184 -15.08 -28.60 -4.09
C HIS B 184 -14.87 -27.36 -4.97
N ASP B 185 -13.85 -27.41 -5.85
CA ASP B 185 -13.58 -26.29 -6.74
C ASP B 185 -13.31 -24.99 -5.96
N LEU B 186 -12.47 -25.09 -4.93
CA LEU B 186 -12.12 -23.94 -4.10
C LEU B 186 -10.79 -23.30 -4.52
N PHE B 187 -10.59 -22.05 -4.10
CA PHE B 187 -9.35 -21.33 -4.36
C PHE B 187 -8.47 -21.56 -3.14
N LEU B 188 -7.16 -21.70 -3.36
CA LEU B 188 -6.22 -21.88 -2.26
C LEU B 188 -5.27 -20.68 -2.15
N ILE B 189 -5.29 -20.04 -0.97
CA ILE B 189 -4.44 -18.90 -0.69
C ILE B 189 -3.38 -19.39 0.28
N SER B 190 -2.12 -19.42 -0.15
CA SER B 190 -1.06 -19.90 0.70
C SER B 190 -0.09 -18.77 1.10
N ASP B 191 -0.05 -18.47 2.39
CA ASP B 191 0.81 -17.43 2.95
C ASP B 191 2.14 -18.07 3.31
N GLU B 192 3.13 -17.90 2.44
CA GLU B 192 4.43 -18.53 2.68
C GLU B 192 5.59 -17.54 2.83
N VAL B 193 5.36 -16.44 3.54
CA VAL B 193 6.41 -15.45 3.75
C VAL B 193 7.64 -16.06 4.41
N TYR B 194 7.46 -17.10 5.23
CA TYR B 194 8.58 -17.77 5.88
C TYR B 194 9.06 -19.02 5.14
N ASP B 195 8.86 -19.05 3.83
CA ASP B 195 9.27 -20.22 3.01
C ASP B 195 10.75 -20.59 2.99
N GLU B 196 11.62 -19.70 3.45
CA GLU B 196 13.04 -20.01 3.49
C GLU B 196 13.51 -20.15 4.92
N LEU B 197 12.58 -20.01 5.87
CA LEU B 197 12.95 -20.12 7.27
C LEU B 197 12.29 -21.35 7.89
N TYR B 198 12.98 -22.49 7.74
CA TYR B 198 12.53 -23.77 8.27
C TYR B 198 13.75 -24.44 8.90
N TYR B 199 13.53 -25.32 9.88
CA TYR B 199 14.67 -25.95 10.54
C TYR B 199 14.85 -27.42 10.23
N GLY B 200 13.90 -28.00 9.51
CA GLY B 200 14.02 -29.40 9.17
C GLY B 200 14.38 -29.59 7.71
N GLU B 201 13.65 -30.48 7.05
CA GLU B 201 13.86 -30.79 5.65
C GLU B 201 13.16 -29.73 4.80
N ARG B 202 13.70 -29.47 3.62
CA ARG B 202 13.12 -28.49 2.70
C ARG B 202 11.65 -28.82 2.50
N PRO B 203 10.75 -27.91 2.88
CA PRO B 203 9.32 -28.17 2.72
C PRO B 203 8.83 -28.01 1.28
N ARG B 204 7.78 -28.76 0.96
CA ARG B 204 7.17 -28.72 -0.36
C ARG B 204 6.12 -27.62 -0.37
N ARG B 205 5.82 -27.07 -1.53
CA ARG B 205 4.83 -26.00 -1.63
C ARG B 205 3.47 -26.53 -2.07
N LEU B 206 2.41 -25.91 -1.55
CA LEU B 206 1.05 -26.29 -1.90
C LEU B 206 0.78 -26.17 -3.38
N ARG B 207 1.40 -25.18 -4.04
CA ARG B 207 1.17 -24.97 -5.47
C ARG B 207 1.64 -26.13 -6.35
N GLU B 208 2.42 -27.04 -5.76
CA GLU B 208 2.89 -28.20 -6.52
C GLU B 208 1.81 -29.26 -6.65
N PHE B 209 0.84 -29.24 -5.73
CA PHE B 209 -0.27 -30.19 -5.75
C PHE B 209 -1.55 -29.63 -6.35
N ALA B 210 -1.57 -28.33 -6.60
CA ALA B 210 -2.76 -27.69 -7.15
C ALA B 210 -2.42 -26.35 -7.78
N PRO B 211 -1.49 -26.36 -8.75
CA PRO B 211 -1.07 -25.14 -9.42
C PRO B 211 -2.21 -24.36 -10.10
N GLU B 212 -3.28 -25.06 -10.45
CA GLU B 212 -4.40 -24.41 -11.14
C GLU B 212 -5.27 -23.52 -10.27
N ARG B 213 -5.22 -23.71 -8.97
CA ARG B 213 -6.07 -22.92 -8.08
C ARG B 213 -5.33 -22.30 -6.88
N THR B 214 -4.00 -22.36 -6.87
CA THR B 214 -3.25 -21.82 -5.75
C THR B 214 -2.54 -20.48 -5.95
N PHE B 215 -2.77 -19.56 -5.02
CA PHE B 215 -2.11 -18.26 -5.07
C PHE B 215 -1.10 -18.28 -3.91
N THR B 216 0.18 -18.14 -4.23
CA THR B 216 1.21 -18.16 -3.22
C THR B 216 1.65 -16.74 -2.90
N VAL B 217 1.76 -16.44 -1.61
CA VAL B 217 2.14 -15.12 -1.14
C VAL B 217 3.52 -15.12 -0.51
N GLY B 218 4.33 -14.12 -0.86
CA GLY B 218 5.67 -14.02 -0.30
C GLY B 218 5.99 -12.60 0.15
N SER B 219 7.10 -12.45 0.88
CA SER B 219 7.51 -11.14 1.38
C SER B 219 9.02 -10.94 1.40
N ALA B 220 9.48 -9.88 0.75
CA ALA B 220 10.91 -9.57 0.73
C ALA B 220 11.36 -9.26 2.15
N GLY B 221 10.47 -8.63 2.93
CA GLY B 221 10.81 -8.27 4.30
C GLY B 221 11.11 -9.46 5.19
N LYS B 222 10.37 -10.54 5.02
CA LYS B 222 10.58 -11.73 5.82
C LYS B 222 11.66 -12.63 5.23
N ARG B 223 12.01 -12.42 3.97
CA ARG B 223 13.06 -13.21 3.33
C ARG B 223 14.41 -12.57 3.63
N LEU B 224 14.45 -11.24 3.58
CA LEU B 224 15.71 -10.51 3.72
C LEU B 224 15.93 -9.58 4.92
N GLU B 225 15.29 -9.87 6.06
CA GLU B 225 15.46 -9.07 7.27
C GLU B 225 15.24 -7.58 7.00
N ALA B 226 14.18 -7.24 6.29
CA ALA B 226 13.87 -5.86 5.96
C ALA B 226 12.36 -5.66 5.93
N THR B 227 11.72 -5.91 7.06
CA THR B 227 10.27 -5.82 7.18
C THR B 227 9.64 -4.49 6.79
N GLY B 228 10.39 -3.39 6.89
CA GLY B 228 9.86 -2.09 6.55
C GLY B 228 9.97 -1.68 5.09
N TYR B 229 10.45 -2.56 4.21
CA TYR B 229 10.58 -2.21 2.80
C TYR B 229 9.26 -2.28 2.03
N ARG B 230 8.31 -3.05 2.56
CA ARG B 230 7.00 -3.20 1.95
C ARG B 230 7.02 -3.68 0.49
N VAL B 231 7.66 -4.82 0.25
CA VAL B 231 7.71 -5.41 -1.07
C VAL B 231 7.30 -6.85 -0.88
N GLY B 232 6.18 -7.22 -1.49
CA GLY B 232 5.68 -8.58 -1.40
C GLY B 232 5.25 -9.05 -2.78
N TRP B 233 4.74 -10.27 -2.88
CA TRP B 233 4.32 -10.77 -4.17
C TRP B 233 3.27 -11.86 -4.12
N ILE B 234 2.61 -12.03 -5.26
CA ILE B 234 1.62 -13.06 -5.42
C ILE B 234 2.04 -13.85 -6.66
N VAL B 235 2.12 -15.17 -6.52
CA VAL B 235 2.44 -16.03 -7.63
C VAL B 235 1.22 -16.91 -7.84
N GLY B 236 0.61 -16.85 -9.02
CA GLY B 236 -0.56 -17.67 -9.28
C GLY B 236 -0.88 -17.88 -10.75
N PRO B 237 -1.96 -18.63 -11.06
CA PRO B 237 -2.33 -18.88 -12.46
C PRO B 237 -2.49 -17.58 -13.26
N LYS B 238 -1.74 -17.48 -14.35
CA LYS B 238 -1.74 -16.30 -15.20
C LYS B 238 -3.11 -15.77 -15.63
N GLU B 239 -4.09 -16.65 -15.69
CA GLU B 239 -5.45 -16.28 -16.11
C GLU B 239 -6.09 -15.26 -15.17
N PHE B 240 -5.69 -15.27 -13.91
CA PHE B 240 -6.25 -14.36 -12.91
C PHE B 240 -5.35 -13.16 -12.54
N MET B 241 -4.05 -13.28 -12.79
CA MET B 241 -3.10 -12.24 -12.40
C MET B 241 -3.37 -10.80 -12.86
N PRO B 242 -3.80 -10.61 -14.11
CA PRO B 242 -4.07 -9.24 -14.57
C PRO B 242 -5.09 -8.54 -13.69
N ARG B 243 -6.07 -9.29 -13.21
CA ARG B 243 -7.11 -8.74 -12.34
C ARG B 243 -6.53 -8.36 -10.98
N LEU B 244 -5.61 -9.17 -10.47
CA LEU B 244 -4.99 -8.86 -9.19
C LEU B 244 -4.18 -7.57 -9.32
N ALA B 245 -3.42 -7.44 -10.40
CA ALA B 245 -2.63 -6.23 -10.60
C ALA B 245 -3.60 -5.06 -10.70
N GLY B 246 -4.76 -5.32 -11.28
CA GLY B 246 -5.78 -4.28 -11.42
C GLY B 246 -6.32 -3.79 -10.09
N MET B 247 -6.44 -4.70 -9.11
CA MET B 247 -6.94 -4.36 -7.79
C MET B 247 -5.94 -3.59 -6.92
N ARG B 248 -4.69 -4.08 -6.84
CA ARG B 248 -3.65 -3.40 -6.02
C ARG B 248 -3.36 -2.02 -6.61
N GLN B 249 -3.76 -1.84 -7.86
CA GLN B 249 -3.58 -0.60 -8.59
C GLN B 249 -4.32 0.53 -7.84
N TRP B 250 -5.48 0.19 -7.31
CA TRP B 250 -6.31 1.16 -6.58
C TRP B 250 -5.97 1.34 -5.10
N THR B 251 -5.30 0.35 -4.52
CA THR B 251 -4.94 0.42 -3.11
C THR B 251 -3.66 1.23 -2.84
N SER B 252 -2.57 0.94 -3.54
CA SER B 252 -1.35 1.72 -3.34
C SER B 252 -0.62 1.93 -4.67
N PHE B 253 -1.32 1.60 -5.77
CA PHE B 253 -0.82 1.74 -7.14
C PHE B 253 0.36 0.83 -7.48
N SER B 254 1.48 1.01 -6.79
CA SER B 254 2.66 0.19 -7.04
C SER B 254 3.60 0.20 -5.83
N ALA B 255 4.44 -0.82 -5.69
CA ALA B 255 5.37 -0.88 -4.56
C ALA B 255 6.55 0.09 -4.77
N PRO B 256 7.25 0.47 -3.67
CA PRO B 256 8.39 1.41 -3.71
C PRO B 256 9.43 1.00 -4.76
N THR B 257 9.56 1.79 -5.81
CA THR B 257 10.48 1.52 -6.92
C THR B 257 11.94 1.18 -6.59
N PRO B 258 12.67 2.06 -5.88
CA PRO B 258 14.06 1.72 -5.57
C PRO B 258 14.22 0.47 -4.71
N LEU B 259 13.22 0.22 -3.85
CA LEU B 259 13.27 -0.96 -3.00
C LEU B 259 13.02 -2.20 -3.84
N GLN B 260 12.11 -2.09 -4.81
CA GLN B 260 11.83 -3.21 -5.71
C GLN B 260 13.13 -3.56 -6.46
N ALA B 261 13.76 -2.51 -6.99
CA ALA B 261 15.01 -2.67 -7.76
C ALA B 261 16.07 -3.35 -6.91
N GLY B 262 16.21 -2.89 -5.66
CA GLY B 262 17.18 -3.49 -4.77
C GLY B 262 16.85 -4.93 -4.44
N VAL B 263 15.58 -5.20 -4.16
CA VAL B 263 15.16 -6.56 -3.85
C VAL B 263 15.37 -7.49 -5.04
N ALA B 264 15.20 -6.97 -6.25
CA ALA B 264 15.38 -7.80 -7.45
C ALA B 264 16.80 -8.37 -7.51
N GLU B 265 17.80 -7.53 -7.29
CA GLU B 265 19.17 -8.00 -7.32
C GLU B 265 19.46 -8.90 -6.12
N ALA B 266 19.01 -8.48 -4.95
CA ALA B 266 19.24 -9.23 -3.72
C ALA B 266 18.73 -10.67 -3.77
N LEU B 267 17.56 -10.89 -4.35
CA LEU B 267 16.98 -12.23 -4.44
C LEU B 267 17.90 -13.15 -5.22
N LYS B 268 18.54 -12.61 -6.25
CA LYS B 268 19.45 -13.42 -7.06
C LYS B 268 20.75 -13.68 -6.30
N LEU B 269 21.28 -12.66 -5.66
CA LEU B 269 22.52 -12.81 -4.89
C LEU B 269 22.33 -13.77 -3.73
N ALA B 270 21.19 -13.68 -3.05
CA ALA B 270 20.91 -14.55 -1.91
C ALA B 270 21.11 -16.03 -2.25
N ARG B 271 20.55 -16.47 -3.37
CA ARG B 271 20.68 -17.86 -3.80
C ARG B 271 22.15 -18.20 -4.05
N ARG B 272 22.77 -17.47 -4.96
CA ARG B 272 24.17 -17.69 -5.33
C ARG B 272 25.15 -17.69 -4.18
N GLU B 273 24.94 -16.83 -3.18
CA GLU B 273 25.87 -16.77 -2.07
C GLU B 273 25.49 -17.56 -0.81
N GLY B 274 24.48 -18.42 -0.93
CA GLY B 274 24.07 -19.21 0.22
C GLY B 274 23.65 -18.40 1.43
N PHE B 275 22.91 -17.33 1.19
CA PHE B 275 22.44 -16.49 2.27
C PHE B 275 21.39 -17.18 3.14
N TYR B 276 20.43 -17.84 2.50
CA TYR B 276 19.35 -18.51 3.22
C TYR B 276 19.82 -19.61 4.16
N GLU B 277 20.80 -20.41 3.73
CA GLU B 277 21.31 -21.47 4.59
C GLU B 277 21.87 -20.84 5.85
N ALA B 278 22.77 -19.87 5.69
CA ALA B 278 23.38 -19.20 6.82
C ALA B 278 22.30 -18.58 7.72
N LEU B 279 21.23 -18.09 7.11
CA LEU B 279 20.14 -17.47 7.87
C LEU B 279 19.43 -18.53 8.72
N ARG B 280 19.18 -19.70 8.13
CA ARG B 280 18.51 -20.78 8.85
C ARG B 280 19.38 -21.23 10.03
N GLU B 281 20.68 -21.34 9.78
CA GLU B 281 21.62 -21.76 10.80
C GLU B 281 21.62 -20.78 11.97
N GLY B 282 21.58 -19.49 11.67
CA GLY B 282 21.57 -18.49 12.71
C GLY B 282 20.29 -18.48 13.54
N TYR B 283 19.15 -18.76 12.90
CA TYR B 283 17.89 -18.77 13.62
C TYR B 283 17.69 -20.05 14.43
N ARG B 284 18.30 -21.14 13.98
CA ARG B 284 18.18 -22.42 14.69
C ARG B 284 18.84 -22.27 16.07
N ARG B 285 20.06 -21.73 16.10
CA ARG B 285 20.78 -21.52 17.34
C ARG B 285 19.90 -20.74 18.29
N ARG B 286 19.45 -19.57 17.86
CA ARG B 286 18.62 -18.74 18.72
C ARG B 286 17.34 -19.45 19.15
N ARG B 287 16.79 -20.31 18.29
CA ARG B 287 15.59 -21.04 18.65
C ARG B 287 15.87 -21.99 19.81
N ASP B 288 16.94 -22.77 19.68
CA ASP B 288 17.32 -23.72 20.70
C ASP B 288 17.72 -23.01 21.99
N LEU B 289 18.27 -21.81 21.84
CA LEU B 289 18.69 -21.02 22.99
C LEU B 289 17.46 -20.61 23.81
N LEU B 290 16.50 -19.96 23.18
CA LEU B 290 15.28 -19.53 23.88
C LEU B 290 14.55 -20.74 24.45
N ALA B 291 14.41 -21.78 23.63
CA ALA B 291 13.71 -23.00 24.03
C ALA B 291 14.33 -23.68 25.24
N GLY B 292 15.64 -23.93 25.18
CA GLY B 292 16.32 -24.55 26.30
C GLY B 292 16.20 -23.66 27.52
N GLY B 293 16.36 -22.36 27.32
CA GLY B 293 16.27 -21.41 28.42
C GLY B 293 14.94 -21.45 29.15
N LEU B 294 13.84 -21.59 28.41
CA LEU B 294 12.52 -21.63 29.01
C LEU B 294 12.25 -22.98 29.66
N ARG B 295 13.00 -23.99 29.21
CA ARG B 295 12.89 -25.36 29.72
C ARG B 295 13.49 -25.40 31.13
N ALA B 296 14.65 -24.77 31.27
CA ALA B 296 15.37 -24.71 32.53
C ALA B 296 14.48 -24.16 33.63
N MET B 297 13.48 -23.38 33.23
CA MET B 297 12.53 -22.78 34.16
C MET B 297 11.34 -23.71 34.33
N GLY B 298 11.41 -24.89 33.70
CA GLY B 298 10.33 -25.84 33.80
C GLY B 298 9.04 -25.37 33.18
N LEU B 299 9.13 -24.74 32.03
CA LEU B 299 7.92 -24.26 31.35
C LEU B 299 7.62 -25.18 30.18
N ARG B 300 6.35 -25.18 29.76
CA ARG B 300 5.92 -25.99 28.63
C ARG B 300 6.34 -25.24 27.36
N VAL B 301 7.14 -25.90 26.52
CA VAL B 301 7.62 -25.28 25.28
C VAL B 301 7.43 -26.14 24.03
N TYR B 302 6.85 -25.54 23.00
CA TYR B 302 6.62 -26.24 21.74
C TYR B 302 7.61 -25.71 20.71
N VAL B 303 8.59 -26.54 20.35
CA VAL B 303 9.61 -26.16 19.39
C VAL B 303 9.03 -26.05 17.98
N PRO B 304 9.26 -24.91 17.31
CA PRO B 304 8.74 -24.71 15.94
C PRO B 304 9.63 -25.34 14.88
N GLU B 305 9.03 -25.69 13.74
CA GLU B 305 9.80 -26.28 12.65
C GLU B 305 10.17 -25.15 11.69
N GLY B 306 9.52 -24.01 11.88
CA GLY B 306 9.76 -22.85 11.03
C GLY B 306 9.42 -21.51 11.66
N THR B 307 9.74 -20.43 10.94
CA THR B 307 9.54 -19.05 11.36
C THR B 307 10.47 -18.76 12.54
N TYR B 308 10.47 -17.51 13.00
CA TYR B 308 11.30 -17.17 14.15
C TYR B 308 10.41 -16.89 15.36
N PHE B 309 9.34 -17.69 15.48
CA PHE B 309 8.40 -17.59 16.59
C PHE B 309 8.28 -18.94 17.27
N LEU B 310 7.87 -18.92 18.53
CA LEU B 310 7.66 -20.16 19.28
C LEU B 310 6.64 -19.86 20.37
N MET B 311 5.85 -20.86 20.74
CA MET B 311 4.86 -20.66 21.78
C MET B 311 5.18 -21.44 23.03
N ALA B 312 4.77 -20.90 24.17
CA ALA B 312 5.00 -21.51 25.46
C ALA B 312 3.94 -21.04 26.44
N GLU B 313 3.83 -21.74 27.56
CA GLU B 313 2.84 -21.40 28.57
C GLU B 313 3.46 -20.78 29.82
N LEU B 314 2.87 -19.67 30.26
CA LEU B 314 3.30 -18.96 31.47
C LEU B 314 2.07 -18.88 32.37
N PRO B 315 1.87 -19.90 33.21
CA PRO B 315 0.75 -20.03 34.16
C PRO B 315 0.32 -18.76 34.91
N GLY B 316 -0.99 -18.49 34.87
CA GLY B 316 -1.55 -17.35 35.56
C GLY B 316 -0.92 -16.00 35.28
N TRP B 317 -0.55 -15.76 34.02
CA TRP B 317 0.07 -14.49 33.65
C TRP B 317 -0.72 -13.71 32.61
N ASP B 318 -0.63 -12.39 32.71
CA ASP B 318 -1.30 -11.48 31.79
C ASP B 318 -0.21 -10.75 31.02
N ALA B 319 -0.42 -10.57 29.72
CA ALA B 319 0.56 -9.90 28.86
C ALA B 319 1.02 -8.52 29.33
N PHE B 320 0.08 -7.62 29.58
CA PHE B 320 0.43 -6.26 30.01
C PHE B 320 0.94 -6.28 31.44
N ARG B 321 0.46 -7.26 32.20
CA ARG B 321 0.85 -7.44 33.59
C ARG B 321 2.34 -7.82 33.55
N LEU B 322 2.69 -8.69 32.61
CA LEU B 322 4.06 -9.15 32.45
C LEU B 322 5.02 -8.08 31.95
N VAL B 323 4.57 -7.24 31.01
CA VAL B 323 5.44 -6.20 30.47
C VAL B 323 5.77 -5.12 31.51
N GLU B 324 4.97 -5.04 32.56
CA GLU B 324 5.18 -4.04 33.60
C GLU B 324 6.10 -4.57 34.71
N GLU B 325 5.80 -5.77 35.21
CA GLU B 325 6.61 -6.38 36.26
C GLU B 325 7.91 -7.02 35.79
N ALA B 326 7.86 -7.76 34.69
CA ALA B 326 9.04 -8.43 34.16
C ALA B 326 9.80 -7.60 33.14
N ARG B 327 9.13 -6.59 32.57
CA ARG B 327 9.76 -5.73 31.57
C ARG B 327 10.21 -6.55 30.35
N VAL B 328 9.33 -7.46 29.95
CA VAL B 328 9.55 -8.31 28.78
C VAL B 328 8.20 -8.36 28.08
N ALA B 329 8.19 -8.01 26.79
CA ALA B 329 6.94 -7.99 26.03
C ALA B 329 6.70 -9.27 25.21
N LEU B 330 5.49 -9.80 25.31
CA LEU B 330 5.09 -10.99 24.60
C LEU B 330 3.69 -10.79 24.06
N ILE B 331 3.25 -11.68 23.18
CA ILE B 331 1.91 -11.58 22.63
C ILE B 331 1.07 -12.73 23.21
N PRO B 332 -0.08 -12.40 23.81
CA PRO B 332 -0.96 -13.41 24.39
C PRO B 332 -1.76 -14.14 23.32
N ALA B 333 -2.08 -15.41 23.58
CA ALA B 333 -2.84 -16.23 22.65
C ALA B 333 -4.15 -15.57 22.24
N SER B 334 -4.67 -14.69 23.07
CA SER B 334 -5.94 -14.01 22.76
C SER B 334 -5.89 -13.28 21.42
N ALA B 335 -4.70 -12.95 20.95
CA ALA B 335 -4.55 -12.24 19.68
C ALA B 335 -4.68 -13.15 18.46
N PHE B 336 -4.50 -14.45 18.65
CA PHE B 336 -4.58 -15.41 17.55
C PHE B 336 -5.88 -16.24 17.51
N TYR B 337 -6.69 -16.11 18.54
CA TYR B 337 -7.95 -16.85 18.64
C TYR B 337 -9.12 -15.90 18.72
N LEU B 338 -10.28 -16.33 18.21
CA LEU B 338 -11.46 -15.48 18.26
C LEU B 338 -12.15 -15.62 19.62
N GLU B 339 -12.31 -16.86 20.09
CA GLU B 339 -12.96 -17.12 21.37
C GLU B 339 -12.26 -18.21 22.17
N ASP B 340 -12.48 -18.17 23.49
CA ASP B 340 -11.90 -19.15 24.40
C ASP B 340 -10.55 -19.65 23.95
N PRO B 341 -9.51 -18.80 24.07
CA PRO B 341 -8.16 -19.17 23.68
C PRO B 341 -7.47 -19.99 24.76
N PRO B 342 -6.49 -20.83 24.37
CA PRO B 342 -5.78 -21.65 25.36
C PRO B 342 -5.31 -20.77 26.52
N LYS B 343 -5.30 -21.36 27.71
CA LYS B 343 -4.90 -20.64 28.92
C LYS B 343 -3.39 -20.55 29.09
N ASP B 344 -2.92 -19.37 29.47
CA ASP B 344 -1.50 -19.14 29.74
C ASP B 344 -0.55 -19.37 28.56
N LEU B 345 -1.05 -19.22 27.34
CA LEU B 345 -0.21 -19.41 26.16
C LEU B 345 0.25 -18.07 25.56
N PHE B 346 1.55 -17.94 25.32
CA PHE B 346 2.13 -16.72 24.77
C PHE B 346 3.07 -17.01 23.60
N ARG B 347 3.15 -16.09 22.65
CA ARG B 347 4.04 -16.25 21.50
C ARG B 347 5.30 -15.44 21.75
N PHE B 348 6.46 -16.06 21.49
CA PHE B 348 7.75 -15.41 21.65
C PHE B 348 8.39 -15.21 20.26
N ALA B 349 9.17 -14.14 20.11
CA ALA B 349 9.85 -13.88 18.85
C ALA B 349 11.34 -13.95 19.17
N PHE B 350 12.08 -14.80 18.47
CA PHE B 350 13.51 -14.90 18.74
C PHE B 350 14.40 -14.32 17.65
N CYS B 351 13.84 -13.40 16.86
CA CYS B 351 14.61 -12.73 15.83
C CYS B 351 15.27 -11.51 16.49
N LYS B 352 16.00 -11.79 17.58
CA LYS B 352 16.69 -10.77 18.35
C LYS B 352 18.15 -11.18 18.50
N THR B 353 18.98 -10.32 19.09
CA THR B 353 20.38 -10.66 19.30
C THR B 353 20.41 -11.64 20.46
N GLU B 354 21.50 -12.39 20.59
CA GLU B 354 21.60 -13.33 21.71
C GLU B 354 21.55 -12.55 23.02
N GLU B 355 22.11 -11.35 23.02
CA GLU B 355 22.12 -10.50 24.21
C GLU B 355 20.70 -10.32 24.70
N GLU B 356 19.86 -9.79 23.83
CA GLU B 356 18.47 -9.54 24.15
C GLU B 356 17.74 -10.78 24.63
N LEU B 357 18.08 -11.93 24.08
CA LEU B 357 17.44 -13.18 24.48
C LEU B 357 17.84 -13.55 25.90
N HIS B 358 19.13 -13.50 26.20
CA HIS B 358 19.62 -13.82 27.53
C HIS B 358 19.02 -12.84 28.53
N LEU B 359 18.89 -11.58 28.13
CA LEU B 359 18.33 -10.54 28.99
C LEU B 359 16.86 -10.87 29.26
N ALA B 360 16.15 -11.33 28.24
CA ALA B 360 14.74 -11.67 28.39
C ALA B 360 14.58 -12.89 29.30
N LEU B 361 15.55 -13.79 29.26
CA LEU B 361 15.51 -14.98 30.10
C LEU B 361 15.74 -14.63 31.56
N GLU B 362 16.70 -13.75 31.82
CA GLU B 362 17.01 -13.33 33.18
C GLU B 362 15.76 -12.72 33.83
N ARG B 363 15.31 -11.62 33.25
CA ARG B 363 14.14 -10.91 33.76
C ARG B 363 12.94 -11.85 33.93
N LEU B 364 12.83 -12.84 33.04
CA LEU B 364 11.74 -13.81 33.13
C LEU B 364 12.05 -14.77 34.27
N GLY B 365 13.31 -15.20 34.35
CA GLY B 365 13.74 -16.12 35.38
C GLY B 365 13.22 -15.76 36.75
N ARG B 366 13.54 -14.55 37.21
CA ARG B 366 13.07 -14.11 38.51
C ARG B 366 11.59 -13.77 38.48
N VAL B 367 10.81 -14.71 37.97
CA VAL B 367 9.36 -14.61 37.84
C VAL B 367 8.87 -16.01 37.43
#